data_6Z68
#
_entry.id   6Z68
#
_cell.length_a   58.710
_cell.length_b   77.190
_cell.length_c   162.510
_cell.angle_alpha   90.000
_cell.angle_beta   90.000
_cell.angle_gamma   90.000
#
_symmetry.space_group_name_H-M   'P 21 2 21'
#
loop_
_entity.id
_entity.type
_entity.pdbx_description
1 polymer 'Acetyl esterase/lipase'
2 non-polymer DI(HYDROXYETHYL)ETHER
3 non-polymer 'TETRAETHYLENE GLYCOL'
4 non-polymer 'MAGNESIUM ION'
5 water water
#
_entity_poly.entity_id   1
_entity_poly.type   'polypeptide(L)'
_entity_poly.pdbx_seq_one_letter_code
;MTTTSNSTETGRRPGRLGDPDRCLRTDPRTDPRTVEALAPFGLDVNAAPAPIGPDAPREQQLEYAMGAEAAFEGVFAALM
DGLDPVPGIERRTETISGPAGNEIKLYVHRPAGAVGPLPGIFHIHGGGMVILQAAGPVYVRFRDELAATGTVVVGVEYRN
GAGVLGPHPFPAGLHDCAVALDWVHARRAELGISTLTVAGESGGGNLTLATAIRAKREGRLDAIDGVYALVPYISGMYGR
SREEREAELPSLVECDGYFISCDLCAVFVEVYDPGTAHLTDPLAWPYHAAREDLVGLPPHVISVNEVDPLRDEGLAYYRK
LVEAGVEARSRVVPGACHAADMMFRKAAPDMYEATVQDIHDFVTSLHRLEHHHHHH
;
_entity_poly.pdbx_strand_id   A,B
#
# COMPACT_ATOMS: atom_id res chain seq x y z
N ARG A 12 7.21 -3.36 -25.68
CA ARG A 12 8.48 -3.68 -25.01
C ARG A 12 8.41 -3.21 -23.55
N ARG A 13 9.45 -3.59 -22.83
CA ARG A 13 9.57 -3.29 -21.40
C ARG A 13 9.63 -1.81 -21.27
N PRO A 14 9.07 -1.09 -20.12
CA PRO A 14 9.05 0.35 -19.93
C PRO A 14 10.45 0.97 -19.77
N GLY A 15 10.49 2.28 -20.02
CA GLY A 15 11.69 3.08 -19.69
C GLY A 15 12.93 2.56 -20.39
N ARG A 16 14.04 2.61 -19.65
CA ARG A 16 15.37 2.30 -20.21
C ARG A 16 15.59 0.79 -20.29
N LEU A 17 14.65 -0.01 -19.79
CA LEU A 17 14.70 -1.47 -20.05
C LEU A 17 14.33 -1.75 -21.50
N GLY A 18 13.36 -1.03 -22.06
CA GLY A 18 12.85 -1.30 -23.42
C GLY A 18 13.67 -0.53 -24.44
N ASP A 19 14.10 0.68 -24.08
CA ASP A 19 14.91 1.55 -24.95
C ASP A 19 15.99 2.17 -24.10
N PRO A 20 17.27 1.70 -24.17
CA PRO A 20 18.32 2.22 -23.28
C PRO A 20 18.49 3.75 -23.32
N ASP A 21 18.06 4.41 -24.41
CA ASP A 21 18.23 5.87 -24.60
C ASP A 21 17.02 6.65 -24.09
N ARG A 22 15.97 5.99 -23.62
CA ARG A 22 14.77 6.69 -23.13
C ARG A 22 15.17 7.61 -21.98
N CYS A 23 14.49 8.73 -21.89
CA CYS A 23 14.61 9.71 -20.79
C CYS A 23 13.24 10.18 -20.33
N LEU A 24 13.15 11.02 -19.30
CA LEU A 24 11.83 11.48 -18.81
C LEU A 24 11.03 12.06 -19.97
N ARG A 25 11.64 12.85 -20.84
CA ARG A 25 10.92 13.51 -21.94
C ARG A 25 10.32 12.46 -22.89
N THR A 26 11.04 11.39 -23.22
CA THR A 26 10.67 10.42 -24.27
C THR A 26 9.90 9.25 -23.64
N ASP A 27 9.79 9.18 -22.33
CA ASP A 27 9.00 8.14 -21.62
C ASP A 27 7.54 8.61 -21.62
N PRO A 28 6.58 7.93 -22.31
CA PRO A 28 5.19 8.40 -22.35
C PRO A 28 4.51 8.44 -20.99
N ARG A 29 5.13 7.78 -20.01
CA ARG A 29 4.54 7.67 -18.65
C ARG A 29 4.75 8.95 -17.83
N THR A 30 5.73 9.77 -18.18
CA THR A 30 6.05 10.96 -17.39
C THR A 30 4.93 11.99 -17.51
N ASP A 31 4.51 12.58 -16.39
CA ASP A 31 3.61 13.75 -16.43
C ASP A 31 4.29 14.84 -17.27
N PRO A 32 3.75 15.24 -18.43
CA PRO A 32 4.41 16.22 -19.30
C PRO A 32 4.64 17.59 -18.65
N ARG A 33 3.82 17.97 -17.66
CA ARG A 33 4.01 19.27 -16.97
C ARG A 33 5.41 19.24 -16.33
N THR A 34 5.83 18.10 -15.81
CA THR A 34 7.08 18.01 -15.02
C THR A 34 8.24 18.00 -16.00
N VAL A 35 8.06 17.43 -17.18
CA VAL A 35 9.11 17.46 -18.24
C VAL A 35 9.44 18.92 -18.56
N GLU A 36 8.40 19.72 -18.76
CA GLU A 36 8.55 21.11 -19.18
C GLU A 36 9.11 21.88 -17.99
N ALA A 37 8.76 21.51 -16.76
CA ALA A 37 9.30 22.21 -15.57
C ALA A 37 10.79 21.93 -15.38
N LEU A 38 11.27 20.78 -15.85
CA LEU A 38 12.69 20.38 -15.70
C LEU A 38 13.54 20.86 -16.87
N ALA A 39 12.94 21.28 -17.98
CA ALA A 39 13.68 21.61 -19.21
C ALA A 39 14.66 22.76 -18.96
N PRO A 40 14.32 23.83 -18.19
CA PRO A 40 15.25 24.93 -17.96
C PRO A 40 16.60 24.49 -17.39
N PHE A 41 16.64 23.34 -16.70
CA PHE A 41 17.80 22.81 -15.94
C PHE A 41 18.50 21.70 -16.74
N GLY A 42 17.91 21.38 -17.90
CA GLY A 42 18.38 20.28 -18.74
C GLY A 42 17.96 18.92 -18.19
N LEU A 43 17.06 18.87 -17.20
CA LEU A 43 16.76 17.58 -16.52
C LEU A 43 15.50 16.91 -17.09
N ASP A 44 15.01 17.45 -18.22
CA ASP A 44 14.05 16.73 -19.09
C ASP A 44 14.74 15.53 -19.77
N VAL A 45 16.06 15.56 -19.90
CA VAL A 45 16.85 14.47 -20.51
C VAL A 45 17.70 13.81 -19.44
N ASN A 46 18.35 12.70 -19.79
CA ASN A 46 19.05 11.89 -18.74
C ASN A 46 20.16 12.74 -18.16
N ALA A 47 20.23 12.66 -16.83
CA ALA A 47 21.25 13.40 -16.08
C ALA A 47 22.62 13.12 -16.69
N ALA A 48 23.48 14.14 -16.74
CA ALA A 48 24.89 13.91 -17.15
C ALA A 48 25.53 12.90 -16.17
N PRO A 49 26.42 12.00 -16.67
CA PRO A 49 27.14 11.04 -15.81
C PRO A 49 28.08 11.72 -14.81
N ALA A 50 28.39 11.02 -13.72
CA ALA A 50 29.32 11.50 -12.68
C ALA A 50 30.74 11.53 -13.28
N PRO A 51 31.56 12.57 -13.01
CA PRO A 51 32.94 12.62 -13.56
C PRO A 51 33.95 11.76 -12.77
N ILE A 52 33.53 11.26 -11.59
CA ILE A 52 34.28 10.36 -10.66
C ILE A 52 33.38 9.20 -10.23
N GLY A 53 34.01 8.20 -9.56
CA GLY A 53 33.28 7.10 -8.92
C GLY A 53 33.74 6.96 -7.47
N PRO A 54 33.20 5.95 -6.74
CA PRO A 54 33.34 5.74 -5.30
C PRO A 54 34.76 5.33 -4.86
N ASP A 55 35.63 5.10 -5.95
CA ASP A 55 37.08 4.81 -5.64
C ASP A 55 37.88 6.13 -5.64
N ALA A 56 37.29 7.26 -6.06
CA ALA A 56 38.05 8.56 -6.04
C ALA A 56 38.44 8.87 -4.61
N PRO A 57 39.56 9.58 -4.42
CA PRO A 57 39.97 9.97 -3.10
C PRO A 57 38.83 10.76 -2.39
N ARG A 58 38.75 10.60 -1.08
CA ARG A 58 37.64 11.25 -0.31
C ARG A 58 37.61 12.77 -0.59
N GLU A 59 38.78 13.46 -0.59
CA GLU A 59 38.82 14.93 -0.83
C GLU A 59 38.00 15.30 -2.13
N GLN A 60 38.16 14.44 -3.22
CA GLN A 60 37.51 14.77 -4.56
C GLN A 60 36.00 14.44 -4.49
N GLN A 61 35.72 13.40 -3.73
CA GLN A 61 34.27 13.02 -3.48
C GLN A 61 33.56 14.15 -2.75
N LEU A 62 34.23 14.71 -1.72
CA LEU A 62 33.61 15.84 -0.97
C LEU A 62 33.50 17.05 -1.91
N GLU A 63 34.53 17.34 -2.72
CA GLU A 63 34.36 18.47 -3.67
C GLU A 63 33.18 18.22 -4.61
N TYR A 64 33.07 17.01 -5.15
CA TYR A 64 31.95 16.68 -6.07
C TYR A 64 30.59 16.85 -5.36
N ALA A 65 30.47 16.35 -4.14
CA ALA A 65 29.20 16.46 -3.39
C ALA A 65 28.87 17.93 -3.12
N MET A 66 29.88 18.77 -2.80
CA MET A 66 29.63 20.20 -2.57
C MET A 66 29.06 20.84 -3.83
N GLY A 67 29.64 20.47 -5.01
CA GLY A 67 29.11 21.04 -6.26
C GLY A 67 27.73 20.52 -6.57
N ALA A 68 27.47 19.26 -6.28
CA ALA A 68 26.13 18.67 -6.56
C ALA A 68 25.09 19.36 -5.67
N GLU A 69 25.47 19.62 -4.40
CA GLU A 69 24.57 20.33 -3.45
C GLU A 69 24.19 21.67 -4.09
N ALA A 70 25.19 22.45 -4.51
CA ALA A 70 24.89 23.77 -5.06
C ALA A 70 23.98 23.65 -6.29
N ALA A 71 24.30 22.69 -7.16
CA ALA A 71 23.51 22.50 -8.39
C ALA A 71 22.04 22.14 -8.06
N PHE A 72 21.82 21.17 -7.18
CA PHE A 72 20.42 20.83 -6.79
C PHE A 72 19.76 22.04 -6.11
N GLU A 73 20.49 22.78 -5.25
CA GLU A 73 19.88 23.95 -4.55
CA GLU A 73 19.86 23.94 -4.56
C GLU A 73 19.42 24.99 -5.58
N GLY A 74 20.22 25.19 -6.64
CA GLY A 74 19.83 26.15 -7.70
C GLY A 74 18.52 25.74 -8.36
N VAL A 75 18.38 24.45 -8.67
CA VAL A 75 17.14 23.89 -9.27
C VAL A 75 15.97 24.18 -8.31
N PHE A 76 16.10 23.78 -7.05
CA PHE A 76 15.02 23.94 -6.06
C PHE A 76 14.67 25.40 -5.84
N ALA A 77 15.68 26.29 -5.77
CA ALA A 77 15.39 27.72 -5.55
C ALA A 77 14.53 28.23 -6.71
N ALA A 78 14.85 27.83 -7.95
CA ALA A 78 14.12 28.32 -9.13
C ALA A 78 12.70 27.73 -9.09
N LEU A 79 12.55 26.45 -8.70
CA LEU A 79 11.19 25.83 -8.70
C LEU A 79 10.31 26.46 -7.63
N MET A 80 10.89 26.99 -6.57
CA MET A 80 10.09 27.56 -5.44
C MET A 80 9.89 29.06 -5.65
N ASP A 81 10.69 29.67 -6.53
CA ASP A 81 10.69 31.15 -6.68
C ASP A 81 9.32 31.62 -7.19
N GLY A 82 8.76 32.67 -6.59
CA GLY A 82 7.57 33.35 -7.12
C GLY A 82 6.27 32.72 -6.63
N LEU A 83 6.32 31.63 -5.86
CA LEU A 83 5.11 31.03 -5.28
C LEU A 83 4.45 32.03 -4.33
N ASP A 84 3.12 32.16 -4.38
CA ASP A 84 2.39 32.91 -3.33
C ASP A 84 2.63 32.26 -1.98
N PRO A 85 2.97 33.01 -0.89
CA PRO A 85 3.12 32.43 0.44
C PRO A 85 1.92 31.57 0.84
N VAL A 86 2.22 30.55 1.61
CA VAL A 86 1.17 29.76 2.31
C VAL A 86 0.60 30.68 3.38
N PRO A 87 -0.72 30.98 3.39
CA PRO A 87 -1.27 31.92 4.37
C PRO A 87 -1.25 31.37 5.79
N GLY A 88 -0.97 32.28 6.74
CA GLY A 88 -1.23 32.01 8.15
C GLY A 88 -0.39 31.00 8.86
N ILE A 89 0.92 30.97 8.53
CA ILE A 89 1.83 30.00 9.19
C ILE A 89 2.73 30.77 10.15
N GLU A 90 2.76 30.27 11.37
CA GLU A 90 3.73 30.77 12.38
C GLU A 90 4.96 29.90 12.30
N ARG A 91 6.15 30.51 12.15
CA ARG A 91 7.46 29.84 12.12
C ARG A 91 8.29 30.27 13.34
N ARG A 92 9.05 29.34 13.91
CA ARG A 92 10.01 29.67 15.00
C ARG A 92 11.16 28.70 14.85
N THR A 93 12.36 29.10 15.17
CA THR A 93 13.53 28.22 15.22
C THR A 93 13.88 27.96 16.69
N GLU A 94 14.08 26.71 17.05
CA GLU A 94 14.62 26.29 18.35
C GLU A 94 16.02 25.79 18.08
N THR A 95 16.89 25.92 19.02
CA THR A 95 18.26 25.39 18.93
C THR A 95 18.47 24.50 20.15
N ILE A 96 18.84 23.24 19.93
CA ILE A 96 19.08 22.27 21.01
C ILE A 96 20.52 21.76 20.96
N SER A 97 20.90 21.10 22.04
CA SER A 97 22.22 20.44 22.22
C SER A 97 22.16 19.04 21.66
N GLY A 98 23.01 18.79 20.70
CA GLY A 98 23.22 17.47 20.12
C GLY A 98 24.05 16.56 20.99
N PRO A 99 24.21 15.36 20.41
CA PRO A 99 24.87 14.25 21.10
C PRO A 99 26.38 14.45 21.25
N ALA A 100 26.97 15.32 20.44
CA ALA A 100 28.45 15.40 20.34
C ALA A 100 28.89 16.86 20.51
N GLY A 101 28.19 17.64 21.34
CA GLY A 101 28.56 19.03 21.61
C GLY A 101 28.12 20.00 20.50
N ASN A 102 27.37 19.54 19.54
CA ASN A 102 26.93 20.28 18.33
C ASN A 102 25.55 20.87 18.61
N GLU A 103 25.26 22.03 18.04
CA GLU A 103 23.91 22.61 18.12
C GLU A 103 23.12 22.08 16.94
N ILE A 104 21.84 21.81 17.20
CA ILE A 104 20.88 21.31 16.19
C ILE A 104 19.73 22.30 16.14
N LYS A 105 19.52 22.89 14.98
CA LYS A 105 18.35 23.78 14.74
C LYS A 105 17.10 22.93 14.43
N LEU A 106 15.97 23.35 15.00
CA LEU A 106 14.63 22.78 14.69
C LEU A 106 13.77 23.89 14.14
N TYR A 107 13.21 23.70 12.98
CA TYR A 107 12.34 24.69 12.34
C TYR A 107 10.90 24.29 12.58
N VAL A 108 10.20 25.07 13.35
CA VAL A 108 8.80 24.78 13.77
C VAL A 108 7.85 25.58 12.91
N HIS A 109 6.78 24.91 12.43
CA HIS A 109 5.72 25.53 11.62
C HIS A 109 4.37 25.09 12.19
N ARG A 110 3.44 26.02 12.30
CA ARG A 110 2.08 25.72 12.82
C ARG A 110 1.13 26.73 12.23
N PRO A 111 -0.17 26.39 12.11
CA PRO A 111 -1.15 27.39 11.72
C PRO A 111 -1.25 28.44 12.86
N ALA A 112 -1.14 29.70 12.51
CA ALA A 112 -1.11 30.82 13.49
C ALA A 112 -2.40 30.80 14.33
N GLY A 113 -3.54 30.49 13.73
CA GLY A 113 -4.84 30.54 14.48
C GLY A 113 -5.11 29.33 15.37
N ALA A 114 -4.28 28.29 15.35
CA ALA A 114 -4.65 26.96 15.90
C ALA A 114 -4.91 27.02 17.40
N VAL A 115 -6.00 26.45 17.89
CA VAL A 115 -6.37 26.63 19.32
C VAL A 115 -5.74 25.53 20.16
N GLY A 116 -5.97 24.28 19.80
CA GLY A 116 -5.59 23.12 20.64
C GLY A 116 -4.56 22.24 19.98
N PRO A 117 -4.32 21.06 20.58
CA PRO A 117 -3.29 20.18 20.07
C PRO A 117 -3.63 19.74 18.62
N LEU A 118 -2.61 19.58 17.81
CA LEU A 118 -2.66 19.08 16.41
C LEU A 118 -1.67 17.95 16.25
N PRO A 119 -1.88 17.04 15.27
CA PRO A 119 -0.86 16.05 14.95
C PRO A 119 0.50 16.73 14.67
N GLY A 120 1.52 16.10 15.18
CA GLY A 120 2.90 16.55 14.95
C GLY A 120 3.58 15.74 13.88
N ILE A 121 4.43 16.39 13.10
CA ILE A 121 5.29 15.75 12.07
C ILE A 121 6.73 16.21 12.32
N PHE A 122 7.56 15.24 12.66
CA PHE A 122 9.02 15.38 12.77
C PHE A 122 9.58 15.14 11.38
N HIS A 123 9.99 16.17 10.65
CA HIS A 123 10.30 16.10 9.22
C HIS A 123 11.80 16.02 9.04
N ILE A 124 12.24 15.02 8.30
CA ILE A 124 13.64 14.72 7.98
C ILE A 124 13.83 14.95 6.48
N HIS A 125 14.54 15.99 6.09
CA HIS A 125 14.77 16.33 4.68
C HIS A 125 15.68 15.31 3.98
N GLY A 126 15.57 15.30 2.67
CA GLY A 126 16.39 14.45 1.83
C GLY A 126 17.65 15.08 1.29
N GLY A 127 18.28 14.45 0.33
CA GLY A 127 19.68 14.79 -0.06
C GLY A 127 20.61 13.62 0.24
N GLY A 128 20.16 12.38 0.18
CA GLY A 128 21.10 11.25 0.27
C GLY A 128 21.88 11.14 1.57
N MET A 129 21.38 11.79 2.60
CA MET A 129 22.02 11.89 3.93
C MET A 129 23.38 12.65 3.81
N VAL A 130 23.63 13.26 2.66
CA VAL A 130 24.95 13.89 2.47
C VAL A 130 24.80 15.33 2.05
N ILE A 131 23.77 15.84 1.45
CA ILE A 131 23.65 17.23 0.95
C ILE A 131 22.28 17.80 1.30
N LEU A 132 22.16 19.11 1.10
CA LEU A 132 20.96 19.96 1.22
C LEU A 132 20.69 20.33 2.69
N GLN A 133 20.04 21.51 2.80
CA GLN A 133 19.65 22.01 4.13
C GLN A 133 18.13 22.01 4.30
N ALA A 134 17.73 21.71 5.52
CA ALA A 134 16.31 21.91 5.91
C ALA A 134 15.91 23.38 5.78
N ALA A 135 16.88 24.30 5.89
CA ALA A 135 16.62 25.73 5.73
C ALA A 135 16.35 26.14 4.30
N GLY A 136 16.56 25.23 3.33
CA GLY A 136 16.37 25.59 1.93
C GLY A 136 14.88 25.68 1.55
N PRO A 137 14.62 26.43 0.47
CA PRO A 137 13.28 26.83 0.07
C PRO A 137 12.35 25.64 -0.19
N VAL A 138 12.84 24.51 -0.73
CA VAL A 138 11.91 23.40 -1.06
C VAL A 138 11.40 22.82 0.25
N TYR A 139 12.19 22.74 1.30
CA TYR A 139 11.80 22.19 2.61
C TYR A 139 10.97 23.20 3.42
N VAL A 140 11.33 24.46 3.38
CA VAL A 140 10.52 25.51 4.05
C VAL A 140 9.10 25.40 3.46
N ARG A 141 9.01 25.34 2.16
CA ARG A 141 7.71 25.30 1.49
C ARG A 141 6.95 24.04 1.93
N PHE A 142 7.56 22.88 1.92
CA PHE A 142 6.88 21.61 2.23
C PHE A 142 6.40 21.66 3.68
N ARG A 143 7.18 22.22 4.60
CA ARG A 143 6.78 22.29 6.03
C ARG A 143 5.64 23.31 6.24
N ASP A 144 5.65 24.41 5.50
CA ASP A 144 4.50 25.36 5.55
C ASP A 144 3.24 24.66 5.03
N GLU A 145 3.40 23.92 3.95
CA GLU A 145 2.27 23.26 3.28
C GLU A 145 1.70 22.24 4.26
N LEU A 146 2.51 21.40 4.86
CA LEU A 146 2.01 20.42 5.85
C LEU A 146 1.36 21.12 7.04
N ALA A 147 1.94 22.18 7.55
CA ALA A 147 1.41 22.88 8.72
C ALA A 147 0.02 23.42 8.37
N ALA A 148 -0.12 23.94 7.15
CA ALA A 148 -1.36 24.61 6.70
C ALA A 148 -2.56 23.66 6.84
N THR A 149 -2.33 22.36 6.69
CA THR A 149 -3.45 21.39 6.76
C THR A 149 -3.96 21.20 8.19
N GLY A 150 -3.25 21.74 9.17
CA GLY A 150 -3.56 21.52 10.58
C GLY A 150 -2.66 20.54 11.23
N THR A 151 -1.36 20.83 11.14
CA THR A 151 -0.31 20.04 11.82
C THR A 151 0.74 21.01 12.42
N VAL A 152 1.47 20.47 13.37
CA VAL A 152 2.71 21.11 13.87
C VAL A 152 3.87 20.35 13.23
N VAL A 153 4.69 21.05 12.49
CA VAL A 153 5.80 20.43 11.76
C VAL A 153 7.12 20.92 12.38
N VAL A 154 8.03 20.01 12.67
CA VAL A 154 9.38 20.31 13.23
C VAL A 154 10.37 19.74 12.23
N GLY A 155 11.06 20.62 11.52
CA GLY A 155 12.11 20.19 10.58
C GLY A 155 13.46 20.17 11.24
N VAL A 156 14.11 19.03 11.31
CA VAL A 156 15.44 18.88 11.95
C VAL A 156 16.57 19.20 10.97
N GLU A 157 17.48 20.06 11.44
CA GLU A 157 18.75 20.37 10.73
C GLU A 157 19.85 19.54 11.36
N TYR A 158 20.10 18.39 10.82
CA TYR A 158 21.08 17.42 11.32
C TYR A 158 22.40 17.58 10.53
N ARG A 159 23.43 16.95 11.07
CA ARG A 159 24.76 16.93 10.37
C ARG A 159 24.68 16.08 9.12
N ASN A 160 25.18 16.62 8.01
CA ASN A 160 25.23 15.93 6.71
C ASN A 160 26.56 15.19 6.52
N GLY A 161 26.55 14.20 5.66
CA GLY A 161 27.77 13.50 5.23
C GLY A 161 28.71 14.42 4.50
N ALA A 162 28.19 15.42 3.80
CA ALA A 162 29.02 16.32 2.96
C ALA A 162 28.36 17.69 2.83
N GLY A 163 28.80 18.49 1.88
CA GLY A 163 28.30 19.84 1.64
C GLY A 163 28.53 20.76 2.81
N VAL A 164 27.77 21.83 2.77
CA VAL A 164 27.94 22.96 3.74
C VAL A 164 27.73 22.47 5.17
N LEU A 165 26.78 21.55 5.43
CA LEU A 165 26.54 21.04 6.79
C LEU A 165 27.27 19.74 7.09
N GLY A 166 28.32 19.45 6.27
CA GLY A 166 29.17 18.27 6.47
C GLY A 166 30.62 18.68 6.55
N PRO A 167 31.56 17.74 6.50
CA PRO A 167 31.31 16.32 6.35
C PRO A 167 31.27 15.56 7.68
N HIS A 168 30.20 14.77 7.90
CA HIS A 168 30.03 14.01 9.14
C HIS A 168 29.49 12.66 8.74
N PRO A 169 30.33 11.63 8.74
CA PRO A 169 29.91 10.31 8.29
C PRO A 169 28.83 9.70 9.19
N PHE A 170 28.12 8.71 8.62
CA PHE A 170 27.25 7.80 9.37
C PHE A 170 27.98 7.37 10.62
N PRO A 171 27.38 7.36 11.83
CA PRO A 171 25.95 7.65 12.09
C PRO A 171 25.62 9.05 12.64
N ALA A 172 26.46 10.05 12.31
CA ALA A 172 26.23 11.40 12.89
C ALA A 172 24.79 11.93 12.67
N GLY A 173 24.35 12.01 11.41
CA GLY A 173 23.00 12.54 11.14
C GLY A 173 21.92 11.71 11.84
N LEU A 174 22.05 10.39 11.85
CA LEU A 174 21.09 9.49 12.53
C LEU A 174 21.06 9.79 14.02
N HIS A 175 22.22 9.99 14.65
CA HIS A 175 22.29 10.37 16.08
C HIS A 175 21.61 11.73 16.33
N ASP A 176 21.84 12.70 15.45
CA ASP A 176 21.19 14.02 15.59
C ASP A 176 19.67 13.87 15.48
N CYS A 177 19.22 13.05 14.55
CA CYS A 177 17.76 12.84 14.40
C CYS A 177 17.22 12.21 15.69
N ALA A 178 17.90 11.24 16.28
CA ALA A 178 17.47 10.59 17.53
C ALA A 178 17.28 11.60 18.66
N VAL A 179 18.28 12.46 18.87
CA VAL A 179 18.27 13.44 19.97
C VAL A 179 17.15 14.43 19.70
N ALA A 180 17.03 14.93 18.49
CA ALA A 180 15.98 15.90 18.11
C ALA A 180 14.60 15.25 18.27
N LEU A 181 14.41 13.99 17.86
CA LEU A 181 13.11 13.34 18.06
C LEU A 181 12.80 13.26 19.55
N ASP A 182 13.78 12.88 20.36
CA ASP A 182 13.54 12.80 21.82
C ASP A 182 13.12 14.17 22.37
N TRP A 183 13.73 15.22 21.84
CA TRP A 183 13.42 16.58 22.36
C TRP A 183 11.99 16.97 22.00
N VAL A 184 11.59 16.67 20.78
CA VAL A 184 10.21 17.02 20.36
C VAL A 184 9.20 16.17 21.14
N HIS A 185 9.49 14.89 21.31
CA HIS A 185 8.59 13.99 22.07
C HIS A 185 8.45 14.47 23.53
N ALA A 186 9.53 14.90 24.14
CA ALA A 186 9.50 15.39 25.55
C ALA A 186 8.73 16.71 25.65
N ARG A 187 8.53 17.42 24.54
CA ARG A 187 7.87 18.76 24.53
C ARG A 187 6.53 18.79 23.78
N ARG A 188 5.87 17.63 23.59
CA ARG A 188 4.65 17.60 22.76
C ARG A 188 3.65 18.66 23.24
N ALA A 189 3.39 18.67 24.55
CA ALA A 189 2.39 19.61 25.09
C ALA A 189 2.81 21.06 24.86
N GLU A 190 4.09 21.37 25.14
CA GLU A 190 4.61 22.73 24.93
C GLU A 190 4.42 23.11 23.45
N LEU A 191 4.70 22.17 22.54
CA LEU A 191 4.67 22.46 21.09
C LEU A 191 3.25 22.32 20.48
N GLY A 192 2.25 21.93 21.26
CA GLY A 192 0.88 21.82 20.75
C GLY A 192 0.67 20.60 19.86
N ILE A 193 1.36 19.51 20.22
CA ILE A 193 1.35 18.27 19.44
C ILE A 193 0.55 17.24 20.22
N SER A 194 -0.27 16.51 19.45
CA SER A 194 -1.00 15.31 19.94
C SER A 194 -0.15 14.09 19.64
N THR A 195 -0.39 13.45 18.51
CA THR A 195 0.42 12.32 18.01
C THR A 195 1.69 12.85 17.34
N LEU A 196 2.66 11.96 17.17
CA LEU A 196 3.93 12.40 16.55
C LEU A 196 4.31 11.37 15.46
N THR A 197 4.49 11.89 14.24
CA THR A 197 4.85 11.06 13.08
C THR A 197 6.27 11.48 12.64
N VAL A 198 7.12 10.53 12.32
CA VAL A 198 8.42 10.82 11.66
C VAL A 198 8.19 10.70 10.17
N ALA A 199 8.55 11.68 9.38
CA ALA A 199 8.35 11.69 7.94
C ALA A 199 9.54 12.23 7.23
N GLY A 200 9.76 11.79 6.01
CA GLY A 200 10.81 12.36 5.15
C GLY A 200 10.91 11.72 3.82
N GLU A 201 11.57 12.35 2.87
CA GLU A 201 11.68 11.80 1.50
C GLU A 201 13.12 11.43 1.19
N SER A 202 13.29 10.39 0.40
CA SER A 202 14.57 10.03 -0.22
C SER A 202 15.55 9.72 0.89
N GLY A 203 16.67 10.48 0.97
CA GLY A 203 17.58 10.27 2.10
C GLY A 203 16.95 10.57 3.46
N GLY A 204 15.93 11.44 3.50
CA GLY A 204 15.15 11.65 4.73
C GLY A 204 14.17 10.52 5.00
N GLY A 205 13.78 9.79 3.96
CA GLY A 205 13.00 8.54 4.09
C GLY A 205 13.83 7.42 4.69
N ASN A 206 15.12 7.40 4.28
CA ASN A 206 16.10 6.48 4.88
C ASN A 206 16.21 6.77 6.38
N LEU A 207 16.53 8.04 6.69
CA LEU A 207 16.75 8.40 8.12
C LEU A 207 15.46 8.21 8.96
N THR A 208 14.30 8.42 8.33
CA THR A 208 12.97 8.19 8.95
C THR A 208 12.80 6.71 9.34
N LEU A 209 13.09 5.83 8.38
CA LEU A 209 12.88 4.38 8.61
C LEU A 209 13.90 3.87 9.61
N ALA A 210 15.20 4.33 9.48
CA ALA A 210 16.26 3.92 10.41
C ALA A 210 15.99 4.47 11.82
N THR A 211 15.41 5.68 11.89
CA THR A 211 15.04 6.30 13.19
C THR A 211 14.06 5.43 13.96
N ALA A 212 13.11 4.79 13.25
CA ALA A 212 12.12 3.91 13.88
C ALA A 212 12.77 2.58 14.30
N ILE A 213 13.61 2.02 13.40
CA ILE A 213 14.35 0.78 13.77
C ILE A 213 15.18 1.01 15.04
N ARG A 214 15.93 2.12 15.06
CA ARG A 214 16.81 2.43 16.21
C ARG A 214 15.98 2.68 17.47
N ALA A 215 14.83 3.36 17.29
CA ALA A 215 14.01 3.66 18.48
C ALA A 215 13.52 2.37 19.14
N LYS A 216 13.16 1.38 18.31
CA LYS A 216 12.77 0.08 18.92
C LYS A 216 13.94 -0.53 19.70
N ARG A 217 15.13 -0.54 19.09
CA ARG A 217 16.31 -1.14 19.76
C ARG A 217 16.62 -0.45 21.08
N GLU A 218 16.37 0.86 21.15
CA GLU A 218 16.80 1.69 22.30
C GLU A 218 15.67 1.90 23.31
N GLY A 219 14.49 1.31 23.10
CA GLY A 219 13.38 1.49 24.06
C GLY A 219 12.75 2.87 23.97
N ARG A 220 12.77 3.47 22.81
CA ARG A 220 12.36 4.87 22.58
C ARG A 220 11.11 4.96 21.70
N LEU A 221 10.42 3.87 21.47
CA LEU A 221 9.27 3.87 20.54
C LEU A 221 8.07 4.69 21.03
N ASP A 222 7.98 5.09 22.32
CA ASP A 222 6.92 6.02 22.77
C ASP A 222 6.97 7.30 21.93
N ALA A 223 8.14 7.67 21.39
CA ALA A 223 8.29 8.91 20.62
C ALA A 223 7.59 8.86 19.26
N ILE A 224 7.20 7.65 18.79
CA ILE A 224 6.78 7.49 17.36
C ILE A 224 5.39 6.83 17.30
N ASP A 225 4.42 7.64 16.89
CA ASP A 225 3.04 7.09 16.72
C ASP A 225 2.88 6.65 15.28
N GLY A 226 3.69 7.14 14.35
CA GLY A 226 3.55 6.80 12.93
C GLY A 226 4.77 7.11 12.15
N VAL A 227 4.93 6.57 10.96
CA VAL A 227 6.13 6.76 10.11
C VAL A 227 5.68 6.94 8.70
N TYR A 228 6.03 7.96 8.00
CA TYR A 228 5.65 8.24 6.61
C TYR A 228 6.90 8.46 5.78
N ALA A 229 7.27 7.49 4.97
CA ALA A 229 8.49 7.53 4.17
C ALA A 229 8.16 7.73 2.72
N LEU A 230 8.58 8.78 2.10
CA LEU A 230 8.42 9.09 0.67
C LEU A 230 9.64 8.74 -0.11
N VAL A 231 9.47 8.14 -1.25
CA VAL A 231 10.52 7.77 -2.20
C VAL A 231 11.81 7.39 -1.47
N PRO A 232 11.80 6.43 -0.51
CA PRO A 232 12.95 6.17 0.35
C PRO A 232 14.12 5.68 -0.49
N TYR A 233 15.32 6.19 -0.09
CA TYR A 233 16.68 5.91 -0.66
C TYR A 233 17.35 4.97 0.33
N ILE A 234 17.20 3.66 0.18
CA ILE A 234 17.44 2.72 1.31
C ILE A 234 18.26 1.48 0.89
N SER A 235 18.46 1.19 -0.40
CA SER A 235 19.17 -0.04 -0.78
C SER A 235 20.70 0.06 -0.67
N GLY A 236 21.23 1.24 -1.00
CA GLY A 236 22.67 1.38 -1.07
C GLY A 236 23.33 0.68 -2.25
N MET A 237 22.53 0.15 -3.21
CA MET A 237 23.09 -0.80 -4.21
CA MET A 237 22.99 -0.83 -4.24
C MET A 237 23.32 -0.13 -5.56
N TYR A 238 23.43 1.21 -5.60
CA TYR A 238 23.50 2.00 -6.87
C TYR A 238 24.79 1.67 -7.64
N GLY A 239 25.83 1.28 -6.92
CA GLY A 239 27.10 1.01 -7.61
C GLY A 239 27.24 -0.39 -8.20
N ARG A 240 26.24 -1.24 -7.98
CA ARG A 240 26.21 -2.59 -8.59
C ARG A 240 26.07 -2.45 -10.10
N SER A 241 26.50 -3.64 -10.79
CA SER A 241 26.43 -3.55 -12.27
C SER A 241 24.97 -3.39 -12.74
N ARG A 242 24.87 -2.94 -13.99
CA ARG A 242 23.56 -2.85 -14.66
C ARG A 242 22.87 -4.22 -14.52
N GLU A 243 23.53 -5.34 -14.74
CA GLU A 243 22.88 -6.67 -14.67
C GLU A 243 22.39 -6.98 -13.24
N GLU A 244 23.23 -6.71 -12.23
CA GLU A 244 22.92 -6.92 -10.80
C GLU A 244 21.69 -6.07 -10.43
N ARG A 245 21.72 -4.79 -10.81
CA ARG A 245 20.62 -3.85 -10.49
C ARG A 245 19.36 -4.32 -11.21
N GLU A 246 19.46 -4.78 -12.45
CA GLU A 246 18.27 -5.25 -13.18
C GLU A 246 17.66 -6.50 -12.50
N ALA A 247 18.48 -7.39 -11.94
CA ALA A 247 18.02 -8.67 -11.36
C ALA A 247 17.29 -8.39 -10.04
N GLU A 248 17.76 -7.44 -9.24
CA GLU A 248 17.32 -7.26 -7.84
C GLU A 248 16.27 -6.14 -7.78
N LEU A 249 16.51 -5.00 -8.44
CA LEU A 249 15.73 -3.73 -8.30
C LEU A 249 15.63 -3.08 -9.67
N PRO A 250 14.85 -3.69 -10.60
CA PRO A 250 14.87 -3.27 -11.99
C PRO A 250 14.59 -1.79 -12.26
N SER A 251 13.85 -1.13 -11.36
CA SER A 251 13.62 0.32 -11.52
C SER A 251 14.93 1.11 -11.53
N LEU A 252 15.97 0.58 -10.89
CA LEU A 252 17.29 1.27 -10.86
C LEU A 252 17.89 1.34 -12.26
N VAL A 253 17.53 0.44 -13.17
CA VAL A 253 17.93 0.52 -14.60
C VAL A 253 16.86 1.24 -15.39
N GLU A 254 15.59 0.83 -15.20
CA GLU A 254 14.46 1.35 -16.00
C GLU A 254 14.43 2.88 -15.99
N CYS A 255 14.69 3.47 -14.81
CA CYS A 255 14.57 4.93 -14.63
C CYS A 255 15.91 5.55 -14.22
N ASP A 256 17.03 4.90 -14.48
CA ASP A 256 18.34 5.51 -14.19
C ASP A 256 18.44 6.81 -14.97
N GLY A 257 18.99 7.88 -14.34
CA GLY A 257 19.19 9.14 -15.06
C GLY A 257 17.96 9.99 -15.12
N TYR A 258 16.79 9.46 -14.71
CA TYR A 258 15.54 10.24 -14.58
C TYR A 258 15.62 11.05 -13.29
N PHE A 259 16.15 12.27 -13.47
CA PHE A 259 16.40 13.28 -12.41
C PHE A 259 17.65 12.91 -11.59
N ILE A 260 17.76 11.70 -11.06
CA ILE A 260 18.92 11.20 -10.30
C ILE A 260 19.48 9.98 -11.03
N SER A 261 20.72 9.66 -10.75
CA SER A 261 21.43 8.58 -11.45
C SER A 261 22.12 7.70 -10.40
N CYS A 262 22.28 6.40 -10.75
CA CYS A 262 23.00 5.40 -9.90
C CYS A 262 24.48 5.83 -9.71
N ASP A 263 25.11 6.43 -10.71
CA ASP A 263 26.56 6.78 -10.55
C ASP A 263 26.77 7.86 -9.46
N LEU A 264 25.88 8.91 -9.49
CA LEU A 264 25.96 9.95 -8.43
C LEU A 264 25.68 9.26 -7.09
N CYS A 265 24.57 8.47 -7.02
CA CYS A 265 24.21 7.84 -5.75
C CYS A 265 25.31 6.91 -5.23
N ALA A 266 26.03 6.19 -6.12
CA ALA A 266 27.10 5.29 -5.62
C ALA A 266 28.27 6.15 -4.91
N VAL A 267 28.50 7.28 -5.51
CA VAL A 267 29.55 8.21 -4.84
C VAL A 267 28.95 8.68 -3.51
N PHE A 268 27.65 8.99 -3.47
CA PHE A 268 27.06 9.46 -2.20
C PHE A 268 27.11 8.35 -1.16
N VAL A 269 26.91 7.08 -1.55
CA VAL A 269 26.99 5.96 -0.57
C VAL A 269 28.34 5.98 0.15
N GLU A 270 29.42 6.02 -0.67
CA GLU A 270 30.80 6.06 -0.12
C GLU A 270 31.08 7.29 0.75
N VAL A 271 30.52 8.45 0.31
CA VAL A 271 30.70 9.71 1.07
C VAL A 271 30.06 9.52 2.44
N TYR A 272 28.84 8.94 2.47
CA TYR A 272 28.07 8.80 3.75
C TYR A 272 28.77 7.85 4.71
N ASP A 273 29.29 6.75 4.17
CA ASP A 273 29.87 5.73 5.05
C ASP A 273 31.20 5.23 4.48
N PRO A 274 32.36 6.02 4.48
CA PRO A 274 33.85 5.77 3.80
C PRO A 274 34.17 4.38 4.30
N GLY A 275 34.52 3.53 3.33
CA GLY A 275 34.93 2.15 3.64
C GLY A 275 33.76 1.16 3.54
N THR A 276 32.54 1.69 3.61
CA THR A 276 31.20 0.95 3.51
C THR A 276 31.15 -0.31 4.39
N ALA A 277 31.70 -0.11 5.69
CA ALA A 277 31.56 -1.14 6.74
C ALA A 277 30.07 -1.36 7.10
N HIS A 278 29.26 -0.33 6.85
CA HIS A 278 27.82 -0.41 7.19
C HIS A 278 26.96 -0.56 5.95
N LEU A 279 27.50 -1.13 4.89
CA LEU A 279 26.72 -1.29 3.62
C LEU A 279 25.50 -2.20 3.83
N THR A 280 25.54 -3.15 4.76
CA THR A 280 24.40 -4.07 5.00
C THR A 280 23.80 -3.85 6.39
N ASP A 281 24.11 -2.73 7.00
CA ASP A 281 23.57 -2.34 8.31
C ASP A 281 22.25 -1.63 8.11
N PRO A 282 21.10 -2.20 8.61
CA PRO A 282 19.80 -1.58 8.40
C PRO A 282 19.67 -0.15 8.92
N LEU A 283 20.57 0.28 9.82
CA LEU A 283 20.53 1.68 10.30
C LEU A 283 21.11 2.63 9.26
N ALA A 284 22.02 2.15 8.39
CA ALA A 284 22.54 2.94 7.26
C ALA A 284 21.67 2.76 6.02
N TRP A 285 21.21 1.52 5.78
CA TRP A 285 20.50 1.10 4.56
C TRP A 285 19.32 0.18 4.92
N PRO A 286 18.16 0.80 5.27
CA PRO A 286 17.01 0.03 5.79
C PRO A 286 16.48 -1.12 4.91
N TYR A 287 16.83 -1.12 3.63
CA TYR A 287 16.50 -2.24 2.73
C TYR A 287 16.95 -3.52 3.41
N HIS A 288 18.05 -3.53 4.15
CA HIS A 288 18.59 -4.74 4.79
C HIS A 288 17.88 -5.18 6.06
N ALA A 289 16.88 -4.44 6.52
CA ALA A 289 16.22 -4.79 7.81
C ALA A 289 15.76 -6.26 7.81
N ALA A 290 16.01 -6.95 8.92
CA ALA A 290 15.48 -8.30 9.15
C ALA A 290 14.06 -8.16 9.68
N ARG A 291 13.28 -9.23 9.63
CA ARG A 291 11.92 -9.21 10.18
C ARG A 291 11.96 -8.74 11.64
N GLU A 292 12.91 -9.22 12.43
CA GLU A 292 12.95 -8.90 13.88
C GLU A 292 13.22 -7.38 14.06
N ASP A 293 13.77 -6.68 13.08
CA ASP A 293 14.01 -5.22 13.18
C ASP A 293 12.70 -4.44 13.09
N LEU A 294 11.72 -5.03 12.41
CA LEU A 294 10.45 -4.35 12.05
C LEU A 294 9.24 -4.79 12.89
N VAL A 295 9.27 -5.96 13.49
CA VAL A 295 8.16 -6.45 14.32
C VAL A 295 7.96 -5.43 15.45
N GLY A 296 6.72 -5.04 15.70
CA GLY A 296 6.39 -4.12 16.80
C GLY A 296 6.49 -2.67 16.41
N LEU A 297 6.87 -2.32 15.20
CA LEU A 297 6.94 -0.90 14.79
C LEU A 297 5.54 -0.33 14.64
N PRO A 298 5.41 1.01 14.82
CA PRO A 298 4.14 1.69 14.61
C PRO A 298 3.72 1.79 13.16
N PRO A 299 2.49 2.26 12.88
CA PRO A 299 1.99 2.32 11.52
C PRO A 299 2.92 3.04 10.58
N HIS A 300 3.07 2.54 9.39
CA HIS A 300 3.93 3.08 8.35
C HIS A 300 3.14 3.38 7.09
N VAL A 301 3.51 4.35 6.32
CA VAL A 301 3.20 4.54 4.91
C VAL A 301 4.49 4.55 4.12
N ILE A 302 4.53 3.81 3.00
CA ILE A 302 5.63 3.91 2.02
C ILE A 302 5.04 4.49 0.75
N SER A 303 5.38 5.68 0.32
CA SER A 303 4.93 6.32 -0.91
C SER A 303 6.02 6.23 -1.94
N VAL A 304 5.77 5.62 -3.10
CA VAL A 304 6.75 5.49 -4.20
C VAL A 304 6.29 6.22 -5.44
N ASN A 305 7.20 6.54 -6.32
CA ASN A 305 6.91 7.34 -7.51
C ASN A 305 7.10 6.48 -8.77
N GLU A 306 6.21 6.64 -9.74
CA GLU A 306 6.13 5.66 -10.86
C GLU A 306 7.43 5.60 -11.65
N VAL A 307 8.00 6.74 -12.01
CA VAL A 307 9.19 6.76 -12.88
C VAL A 307 10.41 7.25 -12.08
N ASP A 308 10.57 6.64 -10.93
CA ASP A 308 11.69 6.86 -9.99
C ASP A 308 12.55 5.61 -9.96
N PRO A 309 13.88 5.72 -10.17
CA PRO A 309 14.71 4.53 -10.01
C PRO A 309 14.61 3.84 -8.64
N LEU A 310 14.24 4.62 -7.61
CA LEU A 310 14.14 4.09 -6.22
CA LEU A 310 14.14 4.08 -6.23
C LEU A 310 12.80 3.39 -5.97
N ARG A 311 11.95 3.29 -7.00
CA ARG A 311 10.59 2.72 -6.81
C ARG A 311 10.67 1.31 -6.20
N ASP A 312 11.49 0.43 -6.80
CA ASP A 312 11.48 -0.98 -6.37
CA ASP A 312 11.50 -0.99 -6.38
C ASP A 312 11.95 -1.17 -4.93
N GLU A 313 12.94 -0.38 -4.48
CA GLU A 313 13.44 -0.59 -3.10
C GLU A 313 12.35 -0.11 -2.11
N GLY A 314 11.61 0.94 -2.47
CA GLY A 314 10.48 1.37 -1.63
C GLY A 314 9.36 0.31 -1.56
N LEU A 315 9.06 -0.31 -2.70
CA LEU A 315 8.04 -1.40 -2.68
C LEU A 315 8.53 -2.58 -1.86
N ALA A 316 9.84 -2.89 -1.96
CA ALA A 316 10.41 -3.99 -1.17
C ALA A 316 10.22 -3.72 0.32
N TYR A 317 10.43 -2.47 0.75
CA TYR A 317 10.30 -2.19 2.19
C TYR A 317 8.83 -2.33 2.64
N TYR A 318 7.90 -1.90 1.81
CA TYR A 318 6.48 -2.16 2.14
C TYR A 318 6.21 -3.66 2.35
N ARG A 319 6.77 -4.50 1.47
CA ARG A 319 6.60 -5.97 1.62
C ARG A 319 7.19 -6.44 2.95
N LYS A 320 8.38 -5.94 3.31
CA LYS A 320 9.02 -6.35 4.58
C LYS A 320 8.09 -5.96 5.74
N LEU A 321 7.58 -4.74 5.70
CA LEU A 321 6.70 -4.29 6.83
C LEU A 321 5.45 -5.18 6.93
N VAL A 322 4.86 -5.51 5.78
CA VAL A 322 3.70 -6.42 5.74
C VAL A 322 4.07 -7.77 6.36
N GLU A 323 5.24 -8.31 5.95
CA GLU A 323 5.71 -9.61 6.47
C GLU A 323 6.00 -9.59 7.98
N ALA A 324 6.26 -8.39 8.51
CA ALA A 324 6.54 -8.20 9.95
C ALA A 324 5.31 -7.78 10.74
N GLY A 325 4.14 -7.73 10.12
CA GLY A 325 2.90 -7.49 10.88
C GLY A 325 2.67 -6.04 11.24
N VAL A 326 3.42 -5.14 10.60
CA VAL A 326 3.22 -3.70 10.86
C VAL A 326 1.92 -3.28 10.21
N GLU A 327 1.21 -2.34 10.82
CA GLU A 327 0.03 -1.69 10.21
C GLU A 327 0.50 -0.77 9.10
N ALA A 328 0.77 -1.31 7.95
CA ALA A 328 1.43 -0.66 6.83
C ALA A 328 0.49 -0.34 5.69
N ARG A 329 0.78 0.67 4.92
CA ARG A 329 0.10 1.14 3.72
C ARG A 329 1.16 1.51 2.72
N SER A 330 0.82 1.51 1.47
CA SER A 330 1.66 2.00 0.38
C SER A 330 0.81 2.72 -0.63
N ARG A 331 1.40 3.59 -1.41
CA ARG A 331 0.80 4.25 -2.55
C ARG A 331 1.85 4.46 -3.60
N VAL A 332 1.42 4.65 -4.83
CA VAL A 332 2.27 5.13 -5.93
C VAL A 332 1.73 6.43 -6.46
N VAL A 333 2.64 7.33 -6.81
CA VAL A 333 2.31 8.61 -7.49
C VAL A 333 2.50 8.39 -8.97
N PRO A 334 1.42 8.32 -9.78
CA PRO A 334 1.58 8.16 -11.21
C PRO A 334 2.32 9.33 -11.85
N GLY A 335 3.10 8.99 -12.86
CA GLY A 335 3.76 9.97 -13.76
C GLY A 335 4.90 10.70 -13.13
N ALA A 336 5.31 10.30 -11.94
CA ALA A 336 6.20 11.13 -11.10
C ALA A 336 7.63 10.61 -11.15
N CYS A 337 8.56 11.49 -11.45
CA CYS A 337 10.00 11.23 -11.22
C CYS A 337 10.26 11.25 -9.72
N HIS A 338 11.47 10.91 -9.34
CA HIS A 338 11.91 10.98 -7.93
C HIS A 338 11.56 12.35 -7.34
N ALA A 339 10.82 12.34 -6.24
CA ALA A 339 10.43 13.53 -5.44
C ALA A 339 9.62 14.55 -6.27
N ALA A 340 8.99 14.21 -7.39
CA ALA A 340 8.23 15.18 -8.20
C ALA A 340 7.10 15.80 -7.37
N ASP A 341 6.54 15.00 -6.47
CA ASP A 341 5.38 15.41 -5.66
C ASP A 341 5.78 16.45 -4.61
N MET A 342 7.08 16.71 -4.45
CA MET A 342 7.60 17.72 -3.49
CA MET A 342 7.51 17.75 -3.48
C MET A 342 8.27 18.87 -4.21
N MET A 343 8.50 18.75 -5.50
CA MET A 343 9.24 19.74 -6.30
C MET A 343 8.33 20.63 -7.13
N PHE A 344 7.28 20.08 -7.73
CA PHE A 344 6.55 20.81 -8.78
C PHE A 344 5.27 21.42 -8.23
N ARG A 345 5.40 22.18 -7.14
CA ARG A 345 4.25 22.92 -6.58
C ARG A 345 3.70 23.89 -7.63
N LYS A 346 4.51 24.45 -8.53
CA LYS A 346 4.01 25.31 -9.60
C LYS A 346 3.37 24.49 -10.71
N ALA A 347 4.13 23.60 -11.31
CA ALA A 347 3.79 22.99 -12.61
C ALA A 347 2.78 21.85 -12.43
N ALA A 348 2.77 21.18 -11.26
CA ALA A 348 1.86 20.03 -11.02
C ALA A 348 1.24 20.11 -9.63
N PRO A 349 0.46 21.19 -9.35
CA PRO A 349 -0.04 21.47 -8.00
C PRO A 349 -0.94 20.37 -7.44
N ASP A 350 -1.62 19.67 -8.37
CA ASP A 350 -2.51 18.58 -7.94
C ASP A 350 -1.72 17.42 -7.37
N MET A 351 -0.59 17.09 -8.01
CA MET A 351 0.29 16.00 -7.52
C MET A 351 0.84 16.36 -6.12
N TYR A 352 1.29 17.61 -5.98
CA TYR A 352 1.81 18.12 -4.70
C TYR A 352 0.75 18.02 -3.61
N GLU A 353 -0.46 18.53 -3.94
CA GLU A 353 -1.58 18.54 -2.97
C GLU A 353 -1.95 17.11 -2.55
N ALA A 354 -1.89 16.15 -3.49
CA ALA A 354 -2.33 14.79 -3.17
C ALA A 354 -1.40 14.17 -2.14
N THR A 355 -0.06 14.45 -2.24
CA THR A 355 0.86 13.92 -1.22
C THR A 355 0.64 14.64 0.14
N VAL A 356 0.55 15.96 0.16
CA VAL A 356 0.33 16.70 1.43
C VAL A 356 -0.95 16.18 2.10
N GLN A 357 -2.00 15.96 1.29
CA GLN A 357 -3.29 15.54 1.84
C GLN A 357 -3.22 14.09 2.32
N ASP A 358 -2.46 13.22 1.64
CA ASP A 358 -2.29 11.83 2.13
C ASP A 358 -1.58 11.81 3.46
N ILE A 359 -0.56 12.67 3.60
CA ILE A 359 0.16 12.74 4.89
C ILE A 359 -0.79 13.28 5.97
N HIS A 360 -1.56 14.31 5.65
CA HIS A 360 -2.52 14.83 6.65
C HIS A 360 -3.54 13.76 7.08
N ASP A 361 -3.99 13.00 6.09
CA ASP A 361 -4.99 11.94 6.39
C ASP A 361 -4.35 10.87 7.27
N PHE A 362 -3.09 10.51 6.98
CA PHE A 362 -2.41 9.49 7.81
C PHE A 362 -2.29 9.99 9.25
N VAL A 363 -1.66 11.17 9.45
CA VAL A 363 -1.37 11.63 10.83
C VAL A 363 -2.65 11.84 11.62
N THR A 364 -3.73 12.27 10.98
CA THR A 364 -5.00 12.47 11.68
C THR A 364 -5.62 11.14 12.09
N SER A 365 -5.27 10.05 11.43
CA SER A 365 -5.84 8.68 11.72
C SER A 365 -5.20 8.05 12.96
N LEU A 366 -4.04 8.58 13.41
CA LEU A 366 -3.21 7.88 14.40
C LEU A 366 -3.78 8.01 15.81
N HIS A 367 -3.55 6.96 16.60
CA HIS A 367 -3.73 6.87 18.06
C HIS A 367 -2.39 7.16 18.73
N ARG A 368 -2.45 7.70 19.92
CA ARG A 368 -1.24 7.95 20.74
CA ARG A 368 -1.27 7.96 20.79
C ARG A 368 -0.82 6.66 21.45
N LEU A 369 0.25 6.05 20.97
CA LEU A 369 0.63 4.68 21.44
C LEU A 369 1.27 4.65 22.83
N GLU A 370 1.92 5.72 23.33
CA GLU A 370 2.50 5.70 24.70
C GLU A 370 1.42 5.36 25.75
N HIS A 371 0.14 5.69 25.47
CA HIS A 371 -1.01 5.46 26.42
C HIS A 371 -1.75 4.16 26.10
N HIS A 372 -1.25 3.34 25.20
CA HIS A 372 -1.82 1.99 24.95
C HIS A 372 -0.86 0.97 25.56
N HIS A 373 -1.34 -0.03 26.31
CA HIS A 373 -0.58 -1.25 26.70
C HIS A 373 0.29 -1.70 25.50
N HIS A 374 1.60 -1.97 25.70
CA HIS A 374 2.59 -2.42 24.65
C HIS A 374 3.64 -3.34 25.29
N ARG B 12 13.03 -19.71 13.20
CA ARG B 12 12.94 -18.23 13.09
C ARG B 12 11.85 -17.87 12.07
N ARG B 13 11.59 -18.66 11.01
CA ARG B 13 10.64 -18.20 9.95
C ARG B 13 9.23 -18.28 10.53
N PRO B 14 8.37 -17.31 10.20
CA PRO B 14 7.03 -17.27 10.76
C PRO B 14 6.14 -18.43 10.28
N GLY B 15 5.09 -18.65 11.06
CA GLY B 15 4.05 -19.63 10.72
C GLY B 15 4.62 -21.00 10.44
N ARG B 16 4.03 -21.67 9.45
CA ARG B 16 4.35 -23.09 9.16
C ARG B 16 5.64 -23.21 8.34
N LEU B 17 6.29 -22.11 7.98
CA LEU B 17 7.65 -22.20 7.39
C LEU B 17 8.64 -22.52 8.52
N GLY B 18 8.46 -21.92 9.68
CA GLY B 18 9.38 -22.12 10.83
C GLY B 18 9.00 -23.34 11.64
N ASP B 19 7.71 -23.65 11.75
CA ASP B 19 7.20 -24.80 12.53
C ASP B 19 6.05 -25.38 11.76
N PRO B 20 6.26 -26.49 11.06
CA PRO B 20 5.22 -27.02 10.16
C PRO B 20 3.87 -27.31 10.82
N ASP B 21 3.86 -27.51 12.15
CA ASP B 21 2.64 -27.86 12.92
C ASP B 21 1.96 -26.59 13.45
N ARG B 22 2.51 -25.40 13.23
CA ARG B 22 1.90 -24.16 13.73
C ARG B 22 0.49 -24.01 13.13
N CYS B 23 -0.39 -23.35 13.87
CA CYS B 23 -1.79 -23.10 13.46
C CYS B 23 -2.20 -21.73 13.96
N LEU B 24 -3.37 -21.24 13.61
CA LEU B 24 -3.74 -19.87 14.03
C LEU B 24 -3.57 -19.74 15.53
N ARG B 25 -3.97 -20.73 16.31
CA ARG B 25 -3.95 -20.62 17.78
C ARG B 25 -2.51 -20.48 18.28
N THR B 26 -1.56 -21.21 17.68
CA THR B 26 -0.19 -21.29 18.21
C THR B 26 0.70 -20.31 17.46
N ASP B 27 0.19 -19.56 16.50
CA ASP B 27 0.95 -18.50 15.80
C ASP B 27 0.83 -17.23 16.64
N PRO B 28 1.95 -16.71 17.22
CA PRO B 28 1.83 -15.56 18.10
C PRO B 28 1.30 -14.33 17.36
N ARG B 29 1.33 -14.32 16.04
CA ARG B 29 0.86 -13.18 15.22
C ARG B 29 -0.65 -13.02 15.19
N THR B 30 -1.40 -14.11 15.35
CA THR B 30 -2.87 -14.05 15.22
C THR B 30 -3.47 -13.14 16.29
N ASP B 31 -4.45 -12.31 15.90
CA ASP B 31 -5.31 -11.60 16.89
C ASP B 31 -6.03 -12.67 17.72
N PRO B 32 -5.76 -12.79 19.03
CA PRO B 32 -6.29 -13.87 19.85
C PRO B 32 -7.82 -13.84 19.96
N ARG B 33 -8.42 -12.67 19.75
CA ARG B 33 -9.89 -12.59 19.82
C ARG B 33 -10.46 -13.41 18.65
N THR B 34 -9.78 -13.42 17.50
CA THR B 34 -10.25 -14.18 16.32
C THR B 34 -10.00 -15.67 16.54
N VAL B 35 -8.99 -16.07 17.28
CA VAL B 35 -8.74 -17.49 17.63
C VAL B 35 -9.91 -18.03 18.46
N GLU B 36 -10.32 -17.31 19.48
CA GLU B 36 -11.42 -17.75 20.35
C GLU B 36 -12.73 -17.74 19.55
N ALA B 37 -12.90 -16.82 18.61
CA ALA B 37 -14.13 -16.73 17.80
C ALA B 37 -14.21 -17.93 16.85
N LEU B 38 -13.09 -18.51 16.45
CA LEU B 38 -13.08 -19.65 15.49
C LEU B 38 -13.11 -20.97 16.26
N ALA B 39 -12.85 -21.00 17.56
CA ALA B 39 -12.76 -22.25 18.33
C ALA B 39 -14.06 -23.07 18.29
N PRO B 40 -15.28 -22.47 18.33
CA PRO B 40 -16.51 -23.27 18.31
C PRO B 40 -16.58 -24.15 17.07
N PHE B 41 -15.93 -23.73 15.98
CA PHE B 41 -15.95 -24.41 14.67
C PHE B 41 -14.75 -25.33 14.48
N GLY B 42 -13.86 -25.42 15.46
CA GLY B 42 -12.59 -26.16 15.29
C GLY B 42 -11.62 -25.42 14.37
N LEU B 43 -11.87 -24.15 14.05
CA LEU B 43 -11.03 -23.42 13.05
C LEU B 43 -9.96 -22.55 13.73
N ASP B 44 -9.75 -22.75 15.02
CA ASP B 44 -8.61 -22.23 15.77
C ASP B 44 -7.36 -23.05 15.42
N VAL B 45 -7.55 -24.28 14.94
CA VAL B 45 -6.48 -25.23 14.56
C VAL B 45 -6.56 -25.44 13.05
N ASN B 46 -5.56 -26.12 12.50
CA ASN B 46 -5.45 -26.16 11.04
C ASN B 46 -6.67 -26.90 10.51
N ALA B 47 -7.23 -26.38 9.42
CA ALA B 47 -8.38 -26.99 8.73
C ALA B 47 -8.06 -28.45 8.43
N ALA B 48 -9.05 -29.29 8.59
CA ALA B 48 -8.91 -30.69 8.20
C ALA B 48 -8.62 -30.73 6.69
N PRO B 49 -7.83 -31.77 6.25
CA PRO B 49 -7.46 -31.92 4.85
C PRO B 49 -8.69 -32.34 4.02
N ALA B 50 -8.60 -32.09 2.74
CA ALA B 50 -9.65 -32.40 1.78
C ALA B 50 -9.63 -33.91 1.54
N PRO B 51 -10.81 -34.54 1.51
CA PRO B 51 -10.92 -35.98 1.31
C PRO B 51 -10.70 -36.40 -0.17
N ILE B 52 -10.79 -35.47 -1.08
CA ILE B 52 -10.53 -35.69 -2.54
C ILE B 52 -9.54 -34.66 -3.05
N GLY B 53 -9.07 -34.90 -4.27
CA GLY B 53 -8.19 -33.95 -5.00
C GLY B 53 -8.80 -33.51 -6.30
N PRO B 54 -8.12 -32.65 -7.07
CA PRO B 54 -8.65 -32.06 -8.31
C PRO B 54 -8.80 -33.08 -9.43
N ASP B 55 -8.24 -34.28 -9.25
CA ASP B 55 -8.36 -35.41 -10.20
C ASP B 55 -9.68 -36.22 -9.99
N ALA B 56 -10.41 -36.00 -8.90
CA ALA B 56 -11.64 -36.75 -8.60
C ALA B 56 -12.64 -36.46 -9.72
N PRO B 57 -13.58 -37.38 -10.01
CA PRO B 57 -14.64 -37.06 -10.96
C PRO B 57 -15.41 -35.79 -10.57
N ARG B 58 -15.79 -35.06 -11.60
CA ARG B 58 -16.55 -33.82 -11.46
C ARG B 58 -17.76 -34.01 -10.55
N GLU B 59 -18.53 -35.09 -10.69
CA GLU B 59 -19.71 -35.30 -9.83
C GLU B 59 -19.27 -35.18 -8.33
N GLN B 60 -18.17 -35.88 -7.98
CA GLN B 60 -17.70 -35.96 -6.55
C GLN B 60 -17.17 -34.58 -6.12
N GLN B 61 -16.54 -33.85 -7.04
CA GLN B 61 -16.01 -32.50 -6.68
C GLN B 61 -17.23 -31.60 -6.39
N LEU B 62 -18.35 -31.74 -7.13
CA LEU B 62 -19.53 -30.87 -6.90
C LEU B 62 -20.15 -31.26 -5.56
N GLU B 63 -20.23 -32.55 -5.21
CA GLU B 63 -20.77 -33.02 -3.89
C GLU B 63 -19.92 -32.37 -2.81
N TYR B 64 -18.60 -32.40 -2.96
CA TYR B 64 -17.67 -31.86 -1.93
C TYR B 64 -17.90 -30.34 -1.81
N ALA B 65 -17.99 -29.63 -2.92
CA ALA B 65 -18.19 -28.16 -2.91
C ALA B 65 -19.52 -27.85 -2.23
N MET B 66 -20.57 -28.65 -2.49
CA MET B 66 -21.87 -28.37 -1.86
C MET B 66 -21.77 -28.51 -0.33
N GLY B 67 -21.08 -29.53 0.16
CA GLY B 67 -20.87 -29.72 1.62
C GLY B 67 -20.00 -28.61 2.18
N ALA B 68 -18.95 -28.22 1.44
CA ALA B 68 -18.08 -27.12 1.90
C ALA B 68 -18.90 -25.82 2.00
N GLU B 69 -19.76 -25.56 1.03
CA GLU B 69 -20.67 -24.39 1.05
C GLU B 69 -21.46 -24.42 2.36
N ALA B 70 -22.14 -25.53 2.66
CA ALA B 70 -23.04 -25.59 3.84
C ALA B 70 -22.21 -25.36 5.10
N ALA B 71 -20.99 -25.91 5.13
CA ALA B 71 -20.16 -25.84 6.34
C ALA B 71 -19.70 -24.39 6.54
N PHE B 72 -19.25 -23.71 5.49
CA PHE B 72 -18.82 -22.29 5.67
C PHE B 72 -20.04 -21.43 5.99
N GLU B 73 -21.21 -21.69 5.36
CA GLU B 73 -22.44 -20.92 5.66
CA GLU B 73 -22.43 -20.88 5.64
C GLU B 73 -22.77 -21.03 7.13
N GLY B 74 -22.58 -22.20 7.72
CA GLY B 74 -22.90 -22.42 9.14
C GLY B 74 -22.01 -21.60 10.05
N VAL B 75 -20.73 -21.55 9.69
CA VAL B 75 -19.79 -20.69 10.45
C VAL B 75 -20.25 -19.23 10.34
N PHE B 76 -20.46 -18.71 9.14
CA PHE B 76 -20.82 -17.30 8.89
C PHE B 76 -22.12 -16.94 9.60
N ALA B 77 -23.11 -17.81 9.58
CA ALA B 77 -24.39 -17.53 10.23
C ALA B 77 -24.13 -17.37 11.73
N ALA B 78 -23.34 -18.28 12.31
CA ALA B 78 -23.11 -18.22 13.77
C ALA B 78 -22.30 -16.95 14.11
N LEU B 79 -21.38 -16.55 13.26
CA LEU B 79 -20.55 -15.35 13.55
C LEU B 79 -21.40 -14.08 13.44
N MET B 80 -22.50 -14.11 12.67
CA MET B 80 -23.40 -12.93 12.49
C MET B 80 -24.57 -12.94 13.46
N ASP B 81 -24.78 -14.05 14.13
CA ASP B 81 -25.92 -14.20 15.06
C ASP B 81 -25.64 -13.41 16.37
N GLY B 82 -26.64 -12.73 16.90
CA GLY B 82 -26.54 -11.99 18.17
C GLY B 82 -26.10 -10.55 17.99
N LEU B 83 -25.87 -10.08 16.76
CA LEU B 83 -25.51 -8.68 16.49
C LEU B 83 -26.75 -7.79 16.50
N ASP B 84 -26.67 -6.60 17.07
CA ASP B 84 -27.70 -5.55 16.82
C ASP B 84 -27.67 -5.20 15.33
N PRO B 85 -28.82 -5.13 14.61
CA PRO B 85 -28.85 -4.71 13.22
C PRO B 85 -28.22 -3.32 13.03
N VAL B 86 -27.65 -3.09 11.86
CA VAL B 86 -27.25 -1.74 11.45
C VAL B 86 -28.53 -0.92 11.30
N PRO B 87 -28.66 0.21 12.00
CA PRO B 87 -29.90 1.00 11.93
C PRO B 87 -29.96 1.86 10.67
N GLY B 88 -31.16 2.24 10.25
CA GLY B 88 -31.36 3.29 9.25
C GLY B 88 -30.93 2.85 7.86
N ILE B 89 -31.04 1.56 7.54
CA ILE B 89 -30.72 1.07 6.15
C ILE B 89 -32.02 0.68 5.44
N GLU B 90 -32.20 1.19 4.23
CA GLU B 90 -33.31 0.80 3.31
C GLU B 90 -32.78 -0.24 2.30
N ARG B 91 -33.44 -1.37 2.18
CA ARG B 91 -33.01 -2.48 1.31
CA ARG B 91 -33.01 -2.53 1.35
C ARG B 91 -34.05 -2.75 0.23
N ARG B 92 -33.63 -3.00 -0.99
CA ARG B 92 -34.54 -3.47 -2.05
C ARG B 92 -33.83 -4.46 -2.93
N THR B 93 -34.58 -5.39 -3.51
CA THR B 93 -34.04 -6.39 -4.47
C THR B 93 -34.50 -6.02 -5.87
N GLU B 94 -33.57 -5.94 -6.82
CA GLU B 94 -33.84 -5.76 -8.25
C GLU B 94 -33.57 -7.11 -8.92
N THR B 95 -34.32 -7.40 -9.96
CA THR B 95 -34.07 -8.61 -10.75
C THR B 95 -33.87 -8.20 -12.20
N ILE B 96 -32.72 -8.57 -12.76
CA ILE B 96 -32.37 -8.13 -14.14
C ILE B 96 -32.20 -9.37 -15.04
N SER B 97 -32.14 -9.07 -16.34
CA SER B 97 -31.85 -10.07 -17.42
C SER B 97 -30.35 -10.21 -17.51
N GLY B 98 -29.92 -11.44 -17.41
CA GLY B 98 -28.53 -11.84 -17.57
C GLY B 98 -28.18 -12.09 -19.02
N PRO B 99 -26.89 -12.45 -19.23
CA PRO B 99 -26.35 -12.56 -20.58
C PRO B 99 -26.92 -13.76 -21.36
N ALA B 100 -27.47 -14.74 -20.63
CA ALA B 100 -27.72 -16.12 -21.15
C ALA B 100 -29.13 -16.56 -20.77
N GLY B 101 -30.10 -15.63 -20.74
CA GLY B 101 -31.50 -15.92 -20.36
C GLY B 101 -31.73 -16.09 -18.87
N ASN B 102 -30.73 -15.93 -18.01
CA ASN B 102 -30.78 -16.18 -16.56
C ASN B 102 -31.20 -14.87 -15.89
N GLU B 103 -31.88 -14.94 -14.77
CA GLU B 103 -32.19 -13.74 -13.96
C GLU B 103 -31.04 -13.58 -12.98
N ILE B 104 -30.72 -12.33 -12.73
CA ILE B 104 -29.67 -11.96 -11.74
C ILE B 104 -30.31 -11.05 -10.69
N LYS B 105 -30.27 -11.44 -9.44
CA LYS B 105 -30.73 -10.55 -8.34
C LYS B 105 -29.62 -9.53 -7.98
N LEU B 106 -30.06 -8.33 -7.66
CA LEU B 106 -29.22 -7.25 -7.12
C LEU B 106 -29.77 -6.80 -5.78
N TYR B 107 -28.96 -6.87 -4.72
CA TYR B 107 -29.34 -6.48 -3.36
C TYR B 107 -28.88 -5.04 -3.15
N VAL B 108 -29.84 -4.12 -3.02
CA VAL B 108 -29.53 -2.68 -2.92
C VAL B 108 -29.68 -2.26 -1.46
N HIS B 109 -28.67 -1.56 -0.96
CA HIS B 109 -28.64 -0.98 0.42
C HIS B 109 -28.29 0.51 0.33
N ARG B 110 -28.99 1.32 1.11
CA ARG B 110 -28.75 2.78 1.17
C ARG B 110 -29.12 3.28 2.56
N PRO B 111 -28.51 4.37 3.04
CA PRO B 111 -28.95 4.98 4.28
C PRO B 111 -30.33 5.62 4.08
N ALA B 112 -31.26 5.33 5.00
CA ALA B 112 -32.58 6.01 5.13
C ALA B 112 -32.32 7.53 5.18
N GLY B 113 -32.98 8.29 4.30
CA GLY B 113 -33.00 9.75 4.45
C GLY B 113 -31.68 10.39 4.08
N ALA B 114 -30.76 9.67 3.45
CA ALA B 114 -29.74 10.33 2.63
C ALA B 114 -30.51 11.31 1.75
N VAL B 115 -29.92 12.50 1.60
CA VAL B 115 -30.31 13.50 0.57
C VAL B 115 -29.20 13.40 -0.45
N GLY B 116 -29.55 13.41 -1.73
CA GLY B 116 -28.56 13.60 -2.78
C GLY B 116 -27.79 12.33 -3.07
N PRO B 117 -27.16 12.32 -4.24
CA PRO B 117 -26.37 11.15 -4.65
C PRO B 117 -25.25 10.81 -3.66
N LEU B 118 -24.88 9.56 -3.58
CA LEU B 118 -23.79 9.02 -2.75
C LEU B 118 -22.92 8.13 -3.61
N PRO B 119 -21.65 7.94 -3.19
CA PRO B 119 -20.80 6.97 -3.85
C PRO B 119 -21.50 5.61 -3.84
N GLY B 120 -21.36 4.97 -4.98
CA GLY B 120 -21.87 3.61 -5.19
C GLY B 120 -20.80 2.55 -5.08
N ILE B 121 -21.17 1.39 -4.52
CA ILE B 121 -20.30 0.20 -4.43
C ILE B 121 -21.01 -0.97 -5.06
N PHE B 122 -20.45 -1.51 -6.12
CA PHE B 122 -20.91 -2.73 -6.81
C PHE B 122 -20.15 -3.84 -6.14
N HIS B 123 -20.77 -4.59 -5.24
CA HIS B 123 -20.11 -5.54 -4.34
C HIS B 123 -20.26 -6.96 -4.88
N ILE B 124 -19.13 -7.64 -4.98
CA ILE B 124 -18.96 -9.00 -5.50
C ILE B 124 -18.50 -9.86 -4.35
N HIS B 125 -19.34 -10.78 -3.88
CA HIS B 125 -19.05 -11.63 -2.73
C HIS B 125 -17.98 -12.66 -3.07
N GLY B 126 -17.40 -13.24 -2.03
CA GLY B 126 -16.39 -14.30 -2.17
C GLY B 126 -16.94 -15.72 -2.06
N GLY B 127 -16.04 -16.68 -1.93
CA GLY B 127 -16.41 -18.09 -2.05
C GLY B 127 -15.71 -18.73 -3.23
N GLY B 128 -14.50 -18.28 -3.63
CA GLY B 128 -13.70 -18.97 -4.66
C GLY B 128 -14.38 -19.04 -6.01
N MET B 129 -15.34 -18.17 -6.26
CA MET B 129 -16.15 -18.11 -7.50
C MET B 129 -17.03 -19.39 -7.64
N VAL B 130 -17.08 -20.21 -6.60
CA VAL B 130 -17.75 -21.52 -6.72
C VAL B 130 -18.79 -21.68 -5.62
N ILE B 131 -18.74 -21.03 -4.48
CA ILE B 131 -19.74 -21.26 -3.41
C ILE B 131 -20.13 -19.94 -2.77
N LEU B 132 -21.20 -20.02 -1.97
CA LEU B 132 -21.77 -18.97 -1.08
C LEU B 132 -22.71 -18.05 -1.87
N GLN B 133 -23.65 -17.49 -1.13
CA GLN B 133 -24.63 -16.56 -1.74
C GLN B 133 -24.46 -15.14 -1.18
N ALA B 134 -24.68 -14.15 -2.04
CA ALA B 134 -24.73 -12.74 -1.62
C ALA B 134 -25.91 -12.57 -0.65
N ALA B 135 -26.93 -13.45 -0.72
CA ALA B 135 -28.08 -13.36 0.19
C ALA B 135 -27.73 -13.80 1.60
N GLY B 136 -26.56 -14.38 1.81
CA GLY B 136 -26.18 -14.92 3.13
C GLY B 136 -25.80 -13.78 4.11
N PRO B 137 -25.90 -14.08 5.42
CA PRO B 137 -25.88 -13.06 6.45
C PRO B 137 -24.54 -12.29 6.53
N VAL B 138 -23.44 -12.93 6.18
CA VAL B 138 -22.14 -12.22 6.29
C VAL B 138 -22.11 -11.11 5.24
N TYR B 139 -22.67 -11.31 4.06
CA TYR B 139 -22.70 -10.31 2.99
C TYR B 139 -23.81 -9.29 3.25
N VAL B 140 -25.00 -9.72 3.68
CA VAL B 140 -26.02 -8.72 4.08
C VAL B 140 -25.38 -7.77 5.10
N ARG B 141 -24.72 -8.29 6.12
CA ARG B 141 -24.11 -7.41 7.15
C ARG B 141 -23.11 -6.45 6.54
N PHE B 142 -22.20 -6.96 5.72
CA PHE B 142 -21.12 -6.10 5.16
C PHE B 142 -21.71 -5.00 4.28
N ARG B 143 -22.75 -5.34 3.47
CA ARG B 143 -23.37 -4.31 2.61
C ARG B 143 -24.11 -3.27 3.48
N ASP B 144 -24.79 -3.69 4.55
CA ASP B 144 -25.43 -2.74 5.49
C ASP B 144 -24.33 -1.84 6.08
N GLU B 145 -23.23 -2.46 6.52
CA GLU B 145 -22.17 -1.69 7.19
C GLU B 145 -21.61 -0.63 6.22
N LEU B 146 -21.33 -0.97 4.99
CA LEU B 146 -20.85 -0.02 3.98
C LEU B 146 -21.90 1.06 3.73
N ALA B 147 -23.17 0.69 3.58
CA ALA B 147 -24.24 1.66 3.29
C ALA B 147 -24.30 2.72 4.43
N ALA B 148 -24.12 2.28 5.65
CA ALA B 148 -24.29 3.11 6.86
C ALA B 148 -23.29 4.26 6.87
N THR B 149 -22.16 4.11 6.18
CA THR B 149 -21.12 5.13 6.13
C THR B 149 -21.49 6.21 5.14
N GLY B 150 -22.57 6.04 4.38
CA GLY B 150 -22.96 7.02 3.34
C GLY B 150 -22.64 6.57 1.94
N THR B 151 -23.11 5.36 1.60
CA THR B 151 -22.89 4.78 0.25
C THR B 151 -24.18 4.06 -0.17
N VAL B 152 -24.29 3.86 -1.47
CA VAL B 152 -25.33 2.98 -2.07
C VAL B 152 -24.61 1.70 -2.50
N VAL B 153 -24.97 0.61 -1.87
CA VAL B 153 -24.31 -0.69 -2.12
C VAL B 153 -25.23 -1.57 -2.97
N VAL B 154 -24.71 -2.17 -4.04
CA VAL B 154 -25.45 -3.14 -4.90
C VAL B 154 -24.68 -4.45 -4.83
N GLY B 155 -25.24 -5.48 -4.17
CA GLY B 155 -24.66 -6.83 -4.15
C GLY B 155 -25.18 -7.67 -5.28
N VAL B 156 -24.31 -8.14 -6.15
CA VAL B 156 -24.74 -8.96 -7.30
C VAL B 156 -24.78 -10.43 -6.92
N GLU B 157 -25.92 -11.07 -7.27
CA GLU B 157 -26.02 -12.53 -7.06
C GLU B 157 -25.79 -13.16 -8.44
N TYR B 158 -24.59 -13.62 -8.69
CA TYR B 158 -24.14 -14.14 -10.01
C TYR B 158 -24.16 -15.67 -9.90
N ARG B 159 -24.03 -16.29 -11.08
CA ARG B 159 -23.90 -17.76 -11.16
C ARG B 159 -22.60 -18.27 -10.58
N ASN B 160 -22.66 -19.22 -9.67
CA ASN B 160 -21.47 -19.84 -9.05
C ASN B 160 -20.99 -21.06 -9.80
N GLY B 161 -19.75 -21.43 -9.64
CA GLY B 161 -19.17 -22.64 -10.23
C GLY B 161 -19.79 -23.89 -9.62
N ALA B 162 -20.31 -23.82 -8.40
CA ALA B 162 -20.83 -24.98 -7.67
C ALA B 162 -21.86 -24.52 -6.64
N GLY B 163 -22.20 -25.44 -5.74
CA GLY B 163 -23.16 -25.14 -4.67
C GLY B 163 -24.56 -24.91 -5.18
N VAL B 164 -25.37 -24.28 -4.33
CA VAL B 164 -26.80 -24.11 -4.62
C VAL B 164 -27.01 -23.19 -5.83
N LEU B 165 -26.09 -22.25 -6.10
CA LEU B 165 -26.22 -21.32 -7.23
C LEU B 165 -25.32 -21.76 -8.40
N GLY B 166 -24.90 -23.03 -8.41
CA GLY B 166 -24.16 -23.61 -9.54
C GLY B 166 -24.83 -24.87 -10.05
N PRO B 167 -24.12 -25.67 -10.84
CA PRO B 167 -22.75 -25.38 -11.29
C PRO B 167 -22.74 -24.67 -12.64
N HIS B 168 -21.92 -23.61 -12.72
CA HIS B 168 -21.80 -22.81 -13.95
C HIS B 168 -20.33 -22.44 -14.07
N PRO B 169 -19.54 -23.16 -14.87
CA PRO B 169 -18.12 -22.89 -14.97
C PRO B 169 -17.80 -21.49 -15.50
N PHE B 170 -16.55 -21.07 -15.21
CA PHE B 170 -15.98 -19.86 -15.83
C PHE B 170 -16.28 -19.87 -17.33
N PRO B 171 -16.71 -18.79 -18.01
CA PRO B 171 -16.81 -17.42 -17.43
C PRO B 171 -18.23 -16.97 -17.01
N ALA B 172 -19.09 -17.90 -16.61
CA ALA B 172 -20.51 -17.54 -16.35
C ALA B 172 -20.61 -16.40 -15.30
N GLY B 173 -20.00 -16.62 -14.12
CA GLY B 173 -20.05 -15.61 -13.05
C GLY B 173 -19.50 -14.27 -13.52
N LEU B 174 -18.36 -14.33 -14.22
CA LEU B 174 -17.71 -13.09 -14.75
C LEU B 174 -18.66 -12.35 -15.72
N HIS B 175 -19.33 -13.09 -16.60
CA HIS B 175 -20.32 -12.53 -17.57
C HIS B 175 -21.50 -11.89 -16.81
N ASP B 176 -21.97 -12.55 -15.75
CA ASP B 176 -23.10 -12.04 -14.95
C ASP B 176 -22.63 -10.73 -14.25
N CYS B 177 -21.40 -10.71 -13.74
CA CYS B 177 -20.89 -9.46 -13.09
C CYS B 177 -20.85 -8.35 -14.13
N ALA B 178 -20.42 -8.63 -15.35
CA ALA B 178 -20.30 -7.59 -16.40
C ALA B 178 -21.66 -6.99 -16.71
N VAL B 179 -22.67 -7.84 -16.91
CA VAL B 179 -24.03 -7.41 -17.26
C VAL B 179 -24.63 -6.60 -16.08
N ALA B 180 -24.47 -7.09 -14.85
CA ALA B 180 -24.99 -6.38 -13.66
C ALA B 180 -24.28 -5.04 -13.48
N LEU B 181 -22.97 -4.99 -13.66
CA LEU B 181 -22.27 -3.70 -13.52
C LEU B 181 -22.83 -2.73 -14.57
N ASP B 182 -23.02 -3.20 -15.81
CA ASP B 182 -23.53 -2.32 -16.89
C ASP B 182 -24.90 -1.77 -16.47
N TRP B 183 -25.72 -2.62 -15.86
CA TRP B 183 -27.11 -2.24 -15.48
C TRP B 183 -27.08 -1.14 -14.42
N VAL B 184 -26.16 -1.27 -13.45
CA VAL B 184 -26.02 -0.26 -12.38
C VAL B 184 -25.50 1.04 -12.98
N HIS B 185 -24.48 0.96 -13.80
CA HIS B 185 -23.87 2.13 -14.44
C HIS B 185 -24.92 2.90 -15.24
N ALA B 186 -25.77 2.17 -16.00
CA ALA B 186 -26.78 2.81 -16.86
C ALA B 186 -27.81 3.55 -15.99
N ARG B 187 -27.94 3.19 -14.70
CA ARG B 187 -29.00 3.69 -13.80
C ARG B 187 -28.45 4.46 -12.59
N ARG B 188 -27.25 5.02 -12.70
CA ARG B 188 -26.69 5.77 -11.54
C ARG B 188 -27.71 6.79 -11.02
N ALA B 189 -28.32 7.57 -11.90
CA ALA B 189 -29.29 8.63 -11.51
C ALA B 189 -30.44 8.01 -10.69
N GLU B 190 -31.09 7.00 -11.23
CA GLU B 190 -32.30 6.33 -10.63
C GLU B 190 -31.88 5.74 -9.28
N LEU B 191 -30.63 5.24 -9.16
CA LEU B 191 -30.15 4.54 -7.95
C LEU B 191 -29.53 5.52 -6.92
N GLY B 192 -29.45 6.81 -7.27
CA GLY B 192 -28.83 7.79 -6.35
C GLY B 192 -27.33 7.61 -6.15
N ILE B 193 -26.64 7.21 -7.21
CA ILE B 193 -25.18 6.93 -7.16
C ILE B 193 -24.46 8.05 -7.88
N SER B 194 -23.34 8.51 -7.28
CA SER B 194 -22.42 9.43 -7.96
C SER B 194 -21.33 8.60 -8.66
N THR B 195 -20.28 8.28 -7.93
CA THR B 195 -19.16 7.47 -8.47
C THR B 195 -19.52 6.00 -8.29
N LEU B 196 -18.85 5.13 -9.02
CA LEU B 196 -19.14 3.69 -8.90
C LEU B 196 -17.84 2.90 -8.74
N THR B 197 -17.74 2.16 -7.64
CA THR B 197 -16.56 1.37 -7.31
C THR B 197 -16.95 -0.11 -7.39
N VAL B 198 -16.09 -0.93 -7.98
CA VAL B 198 -16.28 -2.40 -7.93
C VAL B 198 -15.46 -2.90 -6.76
N ALA B 199 -16.01 -3.67 -5.85
CA ALA B 199 -15.32 -4.13 -4.65
C ALA B 199 -15.69 -5.55 -4.32
N GLY B 200 -14.82 -6.31 -3.70
CA GLY B 200 -15.15 -7.65 -3.24
C GLY B 200 -13.99 -8.32 -2.63
N GLU B 201 -14.18 -9.41 -1.90
CA GLU B 201 -13.11 -10.08 -1.13
C GLU B 201 -12.94 -11.49 -1.71
N SER B 202 -11.72 -11.95 -1.72
CA SER B 202 -11.38 -13.37 -1.97
C SER B 202 -11.71 -13.72 -3.41
N GLY B 203 -12.62 -14.66 -3.60
CA GLY B 203 -13.08 -14.93 -4.97
C GLY B 203 -13.86 -13.78 -5.56
N GLY B 204 -14.48 -12.93 -4.68
CA GLY B 204 -15.05 -11.69 -5.21
C GLY B 204 -14.01 -10.61 -5.51
N GLY B 205 -12.84 -10.74 -4.88
CA GLY B 205 -11.68 -9.93 -5.24
C GLY B 205 -11.10 -10.31 -6.61
N ASN B 206 -11.13 -11.62 -6.90
CA ASN B 206 -10.77 -12.12 -8.22
C ASN B 206 -11.71 -11.52 -9.27
N LEU B 207 -13.02 -11.73 -9.07
CA LEU B 207 -14.01 -11.23 -10.04
C LEU B 207 -13.98 -9.71 -10.16
N THR B 208 -13.69 -9.02 -9.05
CA THR B 208 -13.54 -7.54 -9.09
C THR B 208 -12.40 -7.12 -10.04
N LEU B 209 -11.25 -7.76 -9.86
CA LEU B 209 -10.04 -7.37 -10.63
C LEU B 209 -10.20 -7.77 -12.09
N ALA B 210 -10.78 -8.97 -12.33
CA ALA B 210 -11.05 -9.48 -13.69
C ALA B 210 -12.13 -8.61 -14.37
N THR B 211 -13.12 -8.16 -13.61
CA THR B 211 -14.17 -7.28 -14.18
C THR B 211 -13.54 -6.00 -14.75
N ALA B 212 -12.57 -5.41 -14.02
CA ALA B 212 -11.89 -4.19 -14.51
C ALA B 212 -11.04 -4.50 -15.74
N ILE B 213 -10.29 -5.60 -15.72
CA ILE B 213 -9.42 -5.95 -16.91
C ILE B 213 -10.35 -6.17 -18.13
N ARG B 214 -11.49 -6.86 -17.93
CA ARG B 214 -12.43 -7.12 -19.03
C ARG B 214 -13.09 -5.83 -19.53
N ALA B 215 -13.45 -4.94 -18.60
CA ALA B 215 -14.09 -3.67 -18.99
C ALA B 215 -13.17 -2.86 -19.91
N LYS B 216 -11.87 -2.81 -19.57
CA LYS B 216 -10.94 -2.10 -20.46
C LYS B 216 -10.93 -2.72 -21.86
N ARG B 217 -10.82 -4.04 -21.91
CA ARG B 217 -10.81 -4.73 -23.22
C ARG B 217 -12.07 -4.43 -24.02
N GLU B 218 -13.20 -4.27 -23.34
CA GLU B 218 -14.51 -4.19 -24.02
C GLU B 218 -15.00 -2.76 -24.19
N GLY B 219 -14.18 -1.78 -23.81
CA GLY B 219 -14.57 -0.37 -23.97
C GLY B 219 -15.64 0.05 -22.96
N ARG B 220 -15.69 -0.60 -21.79
CA ARG B 220 -16.76 -0.43 -20.78
C ARG B 220 -16.21 0.25 -19.51
N LEU B 221 -15.00 0.82 -19.55
CA LEU B 221 -14.36 1.38 -18.33
C LEU B 221 -15.13 2.59 -17.79
N ASP B 222 -16.02 3.23 -18.56
CA ASP B 222 -16.88 4.33 -18.02
C ASP B 222 -17.68 3.85 -16.81
N ALA B 223 -17.91 2.53 -16.70
CA ALA B 223 -18.67 1.95 -15.58
C ALA B 223 -17.89 1.90 -14.29
N ILE B 224 -16.56 2.13 -14.34
CA ILE B 224 -15.70 1.85 -13.15
C ILE B 224 -14.84 3.07 -12.80
N ASP B 225 -15.18 3.71 -11.70
CA ASP B 225 -14.40 4.88 -11.21
C ASP B 225 -13.32 4.42 -10.23
N GLY B 226 -13.43 3.27 -9.64
CA GLY B 226 -12.41 2.71 -8.75
C GLY B 226 -12.65 1.24 -8.45
N VAL B 227 -11.65 0.57 -7.92
CA VAL B 227 -11.62 -0.87 -7.67
C VAL B 227 -11.04 -1.14 -6.31
N TYR B 228 -11.69 -1.88 -5.46
CA TYR B 228 -11.24 -2.20 -4.10
C TYR B 228 -11.27 -3.69 -3.92
N ALA B 229 -10.14 -4.34 -3.93
CA ALA B 229 -10.03 -5.81 -3.84
C ALA B 229 -9.50 -6.14 -2.47
N LEU B 230 -10.19 -6.94 -1.71
CA LEU B 230 -9.79 -7.44 -0.39
C LEU B 230 -9.32 -8.88 -0.51
N VAL B 231 -8.28 -9.24 0.15
CA VAL B 231 -7.72 -10.60 0.25
C VAL B 231 -7.93 -11.35 -1.06
N PRO B 232 -7.54 -10.81 -2.23
CA PRO B 232 -7.89 -11.46 -3.51
C PRO B 232 -7.32 -12.87 -3.66
N TYR B 233 -8.15 -13.73 -4.27
CA TYR B 233 -7.90 -15.16 -4.55
C TYR B 233 -7.64 -15.21 -6.03
N ILE B 234 -6.37 -15.12 -6.47
CA ILE B 234 -6.12 -14.74 -7.86
C ILE B 234 -4.98 -15.57 -8.52
N SER B 235 -4.23 -16.38 -7.79
CA SER B 235 -3.09 -17.07 -8.40
C SER B 235 -3.51 -18.35 -9.08
N GLY B 236 -4.44 -19.08 -8.51
CA GLY B 236 -4.78 -20.41 -9.03
C GLY B 236 -3.74 -21.44 -8.79
N MET B 237 -2.72 -21.17 -7.94
CA MET B 237 -1.51 -22.02 -7.85
CA MET B 237 -1.48 -21.99 -7.83
C MET B 237 -1.55 -22.95 -6.63
N TYR B 238 -2.75 -23.14 -6.04
CA TYR B 238 -2.90 -23.82 -4.73
C TYR B 238 -2.47 -25.29 -4.84
N GLY B 239 -2.60 -25.88 -6.06
CA GLY B 239 -2.28 -27.29 -6.29
C GLY B 239 -0.82 -27.60 -6.56
N ARG B 240 0.01 -26.57 -6.66
CA ARG B 240 1.46 -26.77 -6.81
C ARG B 240 2.06 -27.38 -5.54
N SER B 241 3.23 -28.01 -5.70
CA SER B 241 3.86 -28.71 -4.57
C SER B 241 4.18 -27.70 -3.49
N ARG B 242 4.37 -28.22 -2.28
CA ARG B 242 4.80 -27.35 -1.16
C ARG B 242 6.05 -26.54 -1.58
N GLU B 243 7.03 -27.17 -2.20
CA GLU B 243 8.29 -26.51 -2.61
C GLU B 243 8.02 -25.42 -3.67
N GLU B 244 7.14 -25.66 -4.65
CA GLU B 244 6.80 -24.66 -5.69
C GLU B 244 6.09 -23.45 -5.02
N ARG B 245 5.20 -23.77 -4.11
CA ARG B 245 4.42 -22.70 -3.46
C ARG B 245 5.36 -21.85 -2.62
N GLU B 246 6.26 -22.52 -1.89
CA GLU B 246 7.24 -21.81 -1.06
C GLU B 246 8.05 -20.87 -1.93
N ALA B 247 8.48 -21.31 -3.12
CA ALA B 247 9.42 -20.50 -3.93
C ALA B 247 8.71 -19.27 -4.47
N GLU B 248 7.44 -19.41 -4.87
CA GLU B 248 6.74 -18.35 -5.64
C GLU B 248 5.93 -17.45 -4.70
N LEU B 249 5.18 -18.06 -3.78
CA LEU B 249 4.17 -17.35 -2.95
C LEU B 249 4.27 -17.96 -1.57
N PRO B 250 5.33 -17.65 -0.79
CA PRO B 250 5.57 -18.37 0.45
C PRO B 250 4.42 -18.38 1.47
N SER B 251 3.59 -17.32 1.44
CA SER B 251 2.41 -17.29 2.36
C SER B 251 1.48 -18.49 2.16
N LEU B 252 1.50 -19.07 0.95
CA LEU B 252 0.67 -20.26 0.66
C LEU B 252 1.12 -21.43 1.52
N VAL B 253 2.40 -21.47 1.92
CA VAL B 253 2.87 -22.50 2.85
C VAL B 253 2.80 -22.00 4.28
N GLU B 254 3.32 -20.77 4.51
CA GLU B 254 3.39 -20.18 5.87
C GLU B 254 2.05 -20.22 6.60
N CYS B 255 0.95 -19.99 5.89
CA CYS B 255 -0.35 -19.89 6.53
C CYS B 255 -1.32 -20.91 5.92
N ASP B 256 -0.81 -21.98 5.30
CA ASP B 256 -1.74 -23.00 4.80
C ASP B 256 -2.52 -23.56 5.99
N GLY B 257 -3.82 -23.80 5.75
CA GLY B 257 -4.68 -24.39 6.79
C GLY B 257 -5.20 -23.37 7.80
N TYR B 258 -4.69 -22.14 7.74
CA TYR B 258 -5.22 -21.06 8.60
C TYR B 258 -6.52 -20.60 7.97
N PHE B 259 -7.64 -21.17 8.47
CA PHE B 259 -9.03 -20.93 8.04
C PHE B 259 -9.31 -21.66 6.71
N ILE B 260 -8.51 -21.41 5.68
CA ILE B 260 -8.58 -22.06 4.36
C ILE B 260 -7.30 -22.79 4.07
N SER B 261 -7.40 -23.76 3.18
CA SER B 261 -6.28 -24.66 2.84
C SER B 261 -6.09 -24.72 1.33
N CYS B 262 -4.84 -24.94 0.93
CA CYS B 262 -4.50 -25.09 -0.52
C CYS B 262 -5.15 -26.33 -1.17
N ASP B 263 -5.34 -27.40 -0.41
CA ASP B 263 -5.98 -28.61 -1.00
C ASP B 263 -7.43 -28.30 -1.40
N LEU B 264 -8.17 -27.68 -0.50
CA LEU B 264 -9.57 -27.21 -0.77
C LEU B 264 -9.54 -26.30 -1.97
N CYS B 265 -8.63 -25.32 -1.97
CA CYS B 265 -8.59 -24.34 -3.06
C CYS B 265 -8.27 -25.01 -4.40
N ALA B 266 -7.37 -25.99 -4.39
CA ALA B 266 -6.98 -26.66 -5.67
C ALA B 266 -8.18 -27.44 -6.27
N VAL B 267 -9.02 -28.01 -5.41
CA VAL B 267 -10.27 -28.63 -5.93
C VAL B 267 -11.17 -27.53 -6.50
N PHE B 268 -11.29 -26.43 -5.78
CA PHE B 268 -12.13 -25.30 -6.26
C PHE B 268 -11.65 -24.72 -7.59
N VAL B 269 -10.31 -24.69 -7.83
CA VAL B 269 -9.82 -24.22 -9.15
C VAL B 269 -10.43 -25.12 -10.24
N GLU B 270 -10.28 -26.42 -10.07
CA GLU B 270 -10.80 -27.39 -11.07
C GLU B 270 -12.32 -27.29 -11.25
N VAL B 271 -13.04 -27.15 -10.16
CA VAL B 271 -14.50 -26.96 -10.22
C VAL B 271 -14.81 -25.74 -11.05
N TYR B 272 -14.14 -24.60 -10.78
CA TYR B 272 -14.45 -23.34 -11.48
C TYR B 272 -14.27 -23.46 -13.00
N ASP B 273 -13.09 -24.10 -13.35
CA ASP B 273 -12.69 -24.10 -14.76
C ASP B 273 -12.21 -25.50 -15.10
N PRO B 274 -13.17 -26.42 -15.36
CA PRO B 274 -12.79 -27.82 -15.52
C PRO B 274 -11.93 -28.01 -16.78
N GLY B 275 -10.77 -28.85 -16.42
CA GLY B 275 -9.79 -29.00 -17.57
C GLY B 275 -8.70 -27.93 -17.51
N THR B 276 -8.96 -26.85 -16.76
CA THR B 276 -8.03 -25.72 -16.41
C THR B 276 -7.40 -25.19 -17.70
N ALA B 277 -8.14 -25.04 -18.80
CA ALA B 277 -7.68 -24.33 -20.01
C ALA B 277 -7.39 -22.85 -19.75
N HIS B 278 -8.03 -22.29 -18.74
CA HIS B 278 -7.88 -20.84 -18.40
C HIS B 278 -7.00 -20.64 -17.19
N LEU B 279 -6.14 -21.60 -16.87
CA LEU B 279 -5.29 -21.53 -15.65
C LEU B 279 -4.32 -20.33 -15.73
N THR B 280 -3.96 -19.85 -16.92
CA THR B 280 -3.07 -18.68 -17.06
C THR B 280 -3.78 -17.50 -17.69
N ASP B 281 -5.10 -17.54 -17.73
CA ASP B 281 -5.96 -16.49 -18.33
C ASP B 281 -6.21 -15.44 -17.26
N PRO B 282 -5.76 -14.16 -17.40
CA PRO B 282 -5.97 -13.15 -16.39
C PRO B 282 -7.45 -12.93 -16.03
N LEU B 283 -8.38 -13.27 -16.93
CA LEU B 283 -9.82 -13.16 -16.61
C LEU B 283 -10.26 -14.22 -15.61
N ALA B 284 -9.61 -15.37 -15.55
CA ALA B 284 -9.85 -16.41 -14.56
C ALA B 284 -9.02 -16.19 -13.30
N TRP B 285 -7.74 -15.83 -13.52
CA TRP B 285 -6.71 -15.78 -12.46
C TRP B 285 -5.89 -14.52 -12.65
N PRO B 286 -6.33 -13.36 -12.13
CA PRO B 286 -5.73 -12.04 -12.38
C PRO B 286 -4.22 -11.94 -12.05
N TYR B 287 -3.70 -12.84 -11.21
CA TYR B 287 -2.23 -12.89 -10.94
C TYR B 287 -1.49 -12.95 -12.24
N HIS B 288 -2.04 -13.53 -13.30
CA HIS B 288 -1.36 -13.61 -14.59
C HIS B 288 -1.47 -12.38 -15.47
N ALA B 289 -2.09 -11.31 -14.99
CA ALA B 289 -2.25 -10.12 -15.83
C ALA B 289 -0.88 -9.64 -16.34
N ALA B 290 -0.84 -9.27 -17.61
CA ALA B 290 0.34 -8.59 -18.21
C ALA B 290 0.24 -7.08 -17.95
N ARG B 291 1.37 -6.36 -18.11
CA ARG B 291 1.33 -4.91 -17.89
C ARG B 291 0.23 -4.28 -18.76
N GLU B 292 0.08 -4.72 -20.02
CA GLU B 292 -0.84 -4.12 -21.00
C GLU B 292 -2.31 -4.33 -20.54
N ASP B 293 -2.57 -5.34 -19.72
CA ASP B 293 -3.92 -5.59 -19.17
C ASP B 293 -4.27 -4.53 -18.13
N LEU B 294 -3.29 -3.89 -17.48
CA LEU B 294 -3.49 -3.03 -16.30
C LEU B 294 -3.28 -1.56 -16.66
N VAL B 295 -2.49 -1.26 -17.67
CA VAL B 295 -2.27 0.15 -18.06
C VAL B 295 -3.63 0.84 -18.30
N GLY B 296 -3.85 2.00 -17.73
CA GLY B 296 -5.07 2.80 -18.01
C GLY B 296 -6.22 2.45 -17.10
N LEU B 297 -6.06 1.51 -16.18
CA LEU B 297 -7.16 1.16 -15.25
C LEU B 297 -7.36 2.27 -14.23
N PRO B 298 -8.57 2.38 -13.70
CA PRO B 298 -8.85 3.39 -12.67
C PRO B 298 -8.21 3.03 -11.34
N PRO B 299 -8.27 3.95 -10.34
CA PRO B 299 -7.66 3.72 -9.06
C PRO B 299 -8.03 2.40 -8.41
N HIS B 300 -7.09 1.75 -7.77
CA HIS B 300 -7.19 0.46 -7.12
C HIS B 300 -6.71 0.54 -5.70
N VAL B 301 -7.34 -0.20 -4.81
CA VAL B 301 -6.81 -0.62 -3.51
C VAL B 301 -6.69 -2.11 -3.43
N ILE B 302 -5.56 -2.64 -2.99
CA ILE B 302 -5.38 -4.05 -2.64
C ILE B 302 -5.16 -4.22 -1.18
N SER B 303 -6.12 -4.75 -0.46
CA SER B 303 -6.05 -5.00 1.00
C SER B 303 -5.67 -6.42 1.23
N VAL B 304 -4.63 -6.70 1.97
CA VAL B 304 -4.19 -8.08 2.30
C VAL B 304 -4.15 -8.29 3.77
N ASN B 305 -4.17 -9.54 4.20
CA ASN B 305 -4.30 -9.92 5.62
C ASN B 305 -3.02 -10.62 6.08
N GLU B 306 -2.52 -10.26 7.24
CA GLU B 306 -1.18 -10.72 7.66
C GLU B 306 -1.03 -12.24 7.66
N VAL B 307 -1.99 -12.97 8.24
CA VAL B 307 -1.81 -14.42 8.44
C VAL B 307 -2.76 -15.20 7.48
N ASP B 308 -2.85 -14.69 6.25
CA ASP B 308 -3.69 -15.25 5.18
C ASP B 308 -2.77 -15.93 4.17
N PRO B 309 -2.97 -17.21 3.79
CA PRO B 309 -2.12 -17.82 2.77
C PRO B 309 -2.15 -17.05 1.43
N LEU B 310 -3.18 -16.27 1.16
CA LEU B 310 -3.34 -15.50 -0.11
CA LEU B 310 -3.32 -15.49 -0.10
C LEU B 310 -2.59 -14.14 -0.02
N ARG B 311 -1.91 -13.85 1.09
CA ARG B 311 -1.25 -12.52 1.26
C ARG B 311 -0.31 -12.21 0.09
N ASP B 312 0.57 -13.15 -0.26
CA ASP B 312 1.62 -12.84 -1.24
CA ASP B 312 1.64 -12.92 -1.26
C ASP B 312 1.07 -12.60 -2.64
N GLU B 313 0.01 -13.31 -3.02
CA GLU B 313 -0.52 -13.07 -4.37
C GLU B 313 -1.18 -11.70 -4.43
N GLY B 314 -1.80 -11.27 -3.34
CA GLY B 314 -2.39 -9.91 -3.34
C GLY B 314 -1.29 -8.82 -3.39
N LEU B 315 -0.19 -9.03 -2.66
CA LEU B 315 0.94 -8.08 -2.71
C LEU B 315 1.51 -8.04 -4.11
N ALA B 316 1.59 -9.21 -4.77
CA ALA B 316 2.09 -9.27 -6.14
C ALA B 316 1.26 -8.42 -7.08
N TYR B 317 -0.07 -8.46 -6.88
CA TYR B 317 -0.94 -7.70 -7.77
C TYR B 317 -0.77 -6.19 -7.54
N TYR B 318 -0.61 -5.78 -6.29
CA TYR B 318 -0.28 -4.36 -6.04
C TYR B 318 0.99 -3.89 -6.78
N ARG B 319 2.03 -4.74 -6.78
CA ARG B 319 3.28 -4.45 -7.49
C ARG B 319 3.01 -4.29 -8.99
N LYS B 320 2.18 -5.23 -9.53
CA LYS B 320 1.85 -5.16 -10.98
C LYS B 320 1.15 -3.83 -11.30
N LEU B 321 0.18 -3.44 -10.47
CA LEU B 321 -0.57 -2.18 -10.74
C LEU B 321 0.40 -1.00 -10.68
N VAL B 322 1.29 -1.00 -9.69
CA VAL B 322 2.31 0.09 -9.56
C VAL B 322 3.15 0.14 -10.85
N GLU B 323 3.58 -1.04 -11.33
CA GLU B 323 4.46 -1.11 -12.51
C GLU B 323 3.72 -0.68 -13.80
N ALA B 324 2.38 -0.78 -13.80
CA ALA B 324 1.56 -0.31 -14.92
C ALA B 324 1.07 1.12 -14.75
N GLY B 325 1.49 1.86 -13.72
CA GLY B 325 1.11 3.29 -13.62
C GLY B 325 -0.28 3.54 -13.09
N VAL B 326 -0.93 2.51 -12.58
CA VAL B 326 -2.27 2.71 -11.96
C VAL B 326 -2.10 3.55 -10.69
N GLU B 327 -3.10 4.37 -10.40
CA GLU B 327 -3.11 5.10 -9.10
C GLU B 327 -3.52 4.08 -8.05
N ALA B 328 -2.58 3.31 -7.56
CA ALA B 328 -2.77 2.15 -6.70
C ALA B 328 -2.39 2.44 -5.26
N ARG B 329 -3.01 1.80 -4.33
CA ARG B 329 -2.74 1.80 -2.88
CA ARG B 329 -2.65 1.80 -2.90
C ARG B 329 -2.77 0.37 -2.38
N SER B 330 -2.19 0.09 -1.27
CA SER B 330 -2.31 -1.22 -0.61
C SER B 330 -2.26 -1.03 0.87
N ARG B 331 -2.81 -1.97 1.62
CA ARG B 331 -2.77 -2.00 3.07
C ARG B 331 -2.66 -3.43 3.50
N VAL B 332 -2.22 -3.68 4.70
CA VAL B 332 -2.27 -4.96 5.39
C VAL B 332 -3.07 -4.82 6.65
N VAL B 333 -3.88 -5.81 6.96
CA VAL B 333 -4.60 -5.97 8.24
C VAL B 333 -3.78 -6.84 9.19
N PRO B 334 -3.10 -6.26 10.21
CA PRO B 334 -2.34 -7.07 11.16
C PRO B 334 -3.20 -8.13 11.86
N GLY B 335 -2.61 -9.29 12.09
CA GLY B 335 -3.15 -10.33 12.97
C GLY B 335 -4.34 -11.06 12.35
N ALA B 336 -4.64 -10.77 11.10
CA ALA B 336 -5.90 -11.22 10.44
C ALA B 336 -5.65 -12.47 9.59
N CYS B 337 -6.47 -13.50 9.86
CA CYS B 337 -6.60 -14.62 8.94
C CYS B 337 -7.36 -14.14 7.70
N HIS B 338 -7.44 -15.03 6.72
CA HIS B 338 -8.22 -14.76 5.49
C HIS B 338 -9.61 -14.22 5.86
N ALA B 339 -9.96 -13.03 5.35
CA ALA B 339 -11.29 -12.42 5.50
C ALA B 339 -11.65 -12.14 6.96
N ALA B 340 -10.72 -12.11 7.89
CA ALA B 340 -11.04 -11.89 9.31
C ALA B 340 -11.73 -10.51 9.50
N ASP B 341 -11.36 -9.55 8.67
CA ASP B 341 -11.84 -8.15 8.77
C ASP B 341 -13.30 -8.07 8.33
N MET B 342 -13.86 -9.13 7.74
CA MET B 342 -15.29 -9.17 7.33
CA MET B 342 -15.29 -9.05 7.42
C MET B 342 -16.06 -10.17 8.16
N MET B 343 -15.39 -10.97 8.97
CA MET B 343 -16.05 -12.07 9.74
CA MET B 343 -16.05 -12.07 9.73
C MET B 343 -16.27 -11.69 11.20
N PHE B 344 -15.30 -11.06 11.84
CA PHE B 344 -15.29 -10.95 13.33
C PHE B 344 -15.85 -9.62 13.78
N ARG B 345 -17.01 -9.25 13.27
CA ARG B 345 -17.72 -8.02 13.67
C ARG B 345 -17.96 -8.06 15.18
N LYS B 346 -18.23 -9.20 15.80
CA LYS B 346 -18.51 -9.31 17.25
C LYS B 346 -17.20 -9.21 18.04
N ALA B 347 -16.22 -10.04 17.73
CA ALA B 347 -15.04 -10.24 18.62
C ALA B 347 -13.93 -9.21 18.34
N ALA B 348 -13.86 -8.69 17.12
CA ALA B 348 -12.79 -7.77 16.69
C ALA B 348 -13.41 -6.61 15.93
N PRO B 349 -14.29 -5.82 16.60
CA PRO B 349 -15.04 -4.76 15.91
C PRO B 349 -14.17 -3.62 15.36
N ASP B 350 -13.00 -3.41 16.01
CA ASP B 350 -12.02 -2.39 15.59
C ASP B 350 -11.44 -2.80 14.20
N MET B 351 -11.15 -4.09 14.04
CA MET B 351 -10.59 -4.60 12.77
C MET B 351 -11.63 -4.45 11.64
N TYR B 352 -12.87 -4.79 11.98
CA TYR B 352 -13.97 -4.76 11.02
C TYR B 352 -14.22 -3.31 10.58
N GLU B 353 -14.32 -2.42 11.58
CA GLU B 353 -14.59 -0.99 11.28
C GLU B 353 -13.46 -0.37 10.45
N ALA B 354 -12.21 -0.75 10.73
CA ALA B 354 -11.10 -0.14 9.99
C ALA B 354 -11.17 -0.44 8.50
N THR B 355 -11.60 -1.66 8.15
CA THR B 355 -11.78 -1.99 6.71
C THR B 355 -12.98 -1.24 6.14
N VAL B 356 -14.12 -1.22 6.86
CA VAL B 356 -15.29 -0.44 6.38
C VAL B 356 -14.91 1.04 6.14
N GLN B 357 -14.16 1.61 7.08
CA GLN B 357 -13.80 3.04 6.94
C GLN B 357 -12.76 3.27 5.82
N ASP B 358 -11.88 2.28 5.60
CA ASP B 358 -10.93 2.46 4.49
C ASP B 358 -11.63 2.45 3.14
N ILE B 359 -12.68 1.59 3.04
CA ILE B 359 -13.46 1.53 1.77
C ILE B 359 -14.23 2.85 1.62
N HIS B 360 -14.87 3.30 2.70
CA HIS B 360 -15.57 4.58 2.67
C HIS B 360 -14.63 5.72 2.26
N ASP B 361 -13.42 5.75 2.83
CA ASP B 361 -12.42 6.82 2.50
C ASP B 361 -12.05 6.75 1.03
N PHE B 362 -11.86 5.52 0.54
CA PHE B 362 -11.49 5.35 -0.87
C PHE B 362 -12.60 5.89 -1.78
N VAL B 363 -13.83 5.37 -1.58
CA VAL B 363 -14.90 5.72 -2.58
C VAL B 363 -15.27 7.19 -2.50
N THR B 364 -15.14 7.80 -1.32
CA THR B 364 -15.41 9.26 -1.19
C THR B 364 -14.30 10.07 -1.89
N SER B 365 -13.10 9.48 -2.11
CA SER B 365 -11.93 10.19 -2.72
C SER B 365 -12.05 10.26 -4.23
N LEU B 366 -12.93 9.41 -4.81
CA LEU B 366 -12.97 9.26 -6.28
C LEU B 366 -13.79 10.36 -6.96
N HIS B 367 -13.56 10.58 -8.22
CA HIS B 367 -14.39 11.43 -9.10
C HIS B 367 -14.73 10.64 -10.35
N ARG B 368 -15.87 10.97 -10.94
CA ARG B 368 -16.21 10.55 -12.33
C ARG B 368 -15.24 11.21 -13.34
#